data_5XEY
#
_entry.id   5XEY
#
_cell.length_a   75.195
_cell.length_b   65.091
_cell.length_c   136.861
_cell.angle_alpha   90.000
_cell.angle_beta   105.740
_cell.angle_gamma   90.000
#
_symmetry.space_group_name_H-M   'P 1 21 1'
#
loop_
_entity.id
_entity.type
_entity.pdbx_description
1 polymer 'phloretin hydrolase'
2 non-polymer 1-[2,4,6-tris(oxidanyl)phenyl]ethanone
3 water water
#
_entity_poly.entity_id   1
_entity_poly.type   'polypeptide(L)'
_entity_poly.pdbx_seq_one_letter_code
;VHPITYYPVDTQRLVRSNAERIRHKPYAHYFNPDVAVPEEVFAALKAPLEPEQVLGTSSTELNRLLEPGYLEGETGYCGL
PDGAGYTSSLVRFPGATPEMFRWWFWWHSFEPERYSLWHPWCHADIWRTDPETETAPNLTDEQRYVGSTHHINEYIGQDP
LDIEITFIDPARWGFDADGFAAAGIGAHACGSVLMKGSHMRLATMVHLARITDDGFELRSRYWIADRAEPRHDPVAGIAQ
LTTVPGFSGERQAYEQLVHDQTEFNHLATFLPDIYQEFG
;
_entity_poly.pdbx_strand_id   A,B,C,D
#
loop_
_chem_comp.id
_chem_comp.type
_chem_comp.name
_chem_comp.formula
83X non-polymer 1-[2,4,6-tris(oxidanyl)phenyl]ethanone 'C8 H8 O4'
#
# COMPACT_ATOMS: atom_id res chain seq x y z
N VAL A 1 -10.40 13.83 -3.49
CA VAL A 1 -10.50 14.09 -2.06
C VAL A 1 -11.75 13.41 -1.49
N HIS A 2 -11.75 13.24 -0.18
CA HIS A 2 -12.83 12.60 0.54
C HIS A 2 -13.27 13.47 1.70
N PRO A 3 -14.58 13.73 1.80
CA PRO A 3 -15.11 14.64 2.82
C PRO A 3 -14.90 14.07 4.21
N ILE A 4 -14.60 14.93 5.19
CA ILE A 4 -14.48 14.54 6.58
C ILE A 4 -15.80 13.92 7.04
N THR A 5 -15.72 12.83 7.79
CA THR A 5 -16.88 12.10 8.24
C THR A 5 -17.08 12.16 9.74
N TYR A 6 -16.32 13.01 10.43
CA TYR A 6 -16.39 13.06 11.88
C TYR A 6 -16.19 14.49 12.35
N TYR A 7 -17.20 15.04 13.02
CA TYR A 7 -17.20 16.41 13.48
C TYR A 7 -17.61 16.41 14.95
N PRO A 8 -16.64 16.55 15.86
CA PRO A 8 -16.97 16.58 17.29
C PRO A 8 -18.09 17.55 17.60
N VAL A 9 -18.95 17.20 18.53
CA VAL A 9 -20.21 17.93 18.70
C VAL A 9 -20.03 19.42 18.98
N ASP A 10 -19.03 19.77 19.77
CA ASP A 10 -18.77 21.19 20.03
C ASP A 10 -18.37 21.95 18.77
N THR A 11 -17.71 21.27 17.83
CA THR A 11 -17.28 21.94 16.61
C THR A 11 -18.47 22.14 15.68
N GLN A 12 -19.49 21.31 15.81
CA GLN A 12 -20.72 21.53 15.06
C GLN A 12 -21.40 22.86 15.48
N ARG A 13 -21.32 23.22 16.77
CA ARG A 13 -21.80 24.53 17.20
C ARG A 13 -20.88 25.63 16.69
N LEU A 14 -19.58 25.39 16.78
CA LEU A 14 -18.62 26.44 16.48
C LEU A 14 -18.70 26.85 15.01
N VAL A 15 -18.88 25.90 14.10
CA VAL A 15 -18.91 26.28 12.69
C VAL A 15 -20.10 27.21 12.41
N ARG A 16 -21.19 27.02 13.16
CA ARG A 16 -22.37 27.85 12.95
C ARG A 16 -22.18 29.25 13.53
N SER A 17 -21.59 29.34 14.71
CA SER A 17 -21.33 30.64 15.29
C SER A 17 -20.26 31.37 14.48
N ASN A 18 -19.29 30.64 13.95
CA ASN A 18 -18.31 31.24 13.05
C ASN A 18 -18.96 31.79 11.77
N ALA A 19 -19.92 31.05 11.22
CA ALA A 19 -20.59 31.50 10.00
C ALA A 19 -21.36 32.79 10.26
N GLU A 20 -21.99 32.88 11.42
CA GLU A 20 -22.76 34.07 11.80
C GLU A 20 -21.86 35.28 12.01
N ARG A 21 -20.76 35.07 12.73
CA ARG A 21 -19.84 36.12 13.10
C ARG A 21 -19.15 36.76 11.87
N ILE A 22 -18.93 35.97 10.84
CA ILE A 22 -18.14 36.44 9.70
C ILE A 22 -19.00 37.16 8.65
N ARG A 23 -20.32 37.06 8.76
CA ARG A 23 -21.19 37.78 7.83
C ARG A 23 -20.84 39.26 7.84
N HIS A 24 -20.88 39.87 6.66
CA HIS A 24 -20.59 41.30 6.49
C HIS A 24 -19.10 41.65 6.65
N LYS A 25 -18.23 40.66 6.84
CA LYS A 25 -16.79 40.90 6.70
C LYS A 25 -16.43 40.91 5.21
N PRO A 26 -15.40 41.69 4.84
CA PRO A 26 -15.06 41.76 3.40
C PRO A 26 -14.69 40.41 2.80
N TYR A 27 -14.15 39.53 3.65
CA TYR A 27 -13.66 38.23 3.19
C TYR A 27 -14.65 37.10 3.50
N ALA A 28 -15.91 37.46 3.76
CA ALA A 28 -16.90 36.48 4.16
C ALA A 28 -17.11 35.39 3.11
N HIS A 29 -16.96 35.71 1.82
CA HIS A 29 -17.24 34.70 0.81
C HIS A 29 -16.16 33.60 0.73
N TYR A 30 -15.07 33.75 1.47
CA TYR A 30 -14.10 32.66 1.62
C TYR A 30 -14.50 31.66 2.69
N PHE A 31 -15.54 31.97 3.45
CA PHE A 31 -15.99 31.03 4.47
C PHE A 31 -16.78 29.88 3.85
N ASN A 32 -16.22 28.68 3.99
CA ASN A 32 -16.84 27.47 3.47
C ASN A 32 -16.59 26.33 4.44
N PRO A 33 -17.67 25.76 5.01
CA PRO A 33 -17.47 24.68 5.99
C PRO A 33 -17.02 23.35 5.37
N ASP A 34 -17.14 23.21 4.06
CA ASP A 34 -16.83 21.94 3.41
C ASP A 34 -15.35 21.61 3.57
N VAL A 35 -15.07 20.50 4.23
CA VAL A 35 -13.69 20.05 4.41
C VAL A 35 -13.48 18.60 3.96
N ALA A 36 -12.27 18.30 3.49
CA ALA A 36 -11.99 17.02 2.87
C ALA A 36 -10.50 16.73 2.98
N VAL A 37 -10.12 15.48 2.81
CA VAL A 37 -8.70 15.12 2.80
C VAL A 37 -8.42 14.28 1.57
N PRO A 38 -7.19 14.37 1.04
CA PRO A 38 -6.77 13.63 -0.16
C PRO A 38 -6.70 12.14 0.05
N GLU A 39 -7.04 11.38 -0.99
CA GLU A 39 -6.94 9.92 -0.96
C GLU A 39 -5.57 9.43 -0.46
N GLU A 40 -4.53 10.18 -0.80
CA GLU A 40 -3.16 9.74 -0.52
C GLU A 40 -2.77 9.73 0.95
N VAL A 41 -3.53 10.42 1.80
CA VAL A 41 -3.23 10.41 3.23
C VAL A 41 -4.12 9.44 4.00
N PHE A 42 -4.97 8.69 3.32
CA PHE A 42 -5.86 7.81 4.06
C PHE A 42 -5.13 6.72 4.81
N ALA A 43 -4.05 6.19 4.24
CA ALA A 43 -3.28 5.16 4.93
C ALA A 43 -2.74 5.72 6.25
N ALA A 44 -2.39 6.99 6.25
CA ALA A 44 -1.88 7.65 7.45
C ALA A 44 -2.92 7.78 8.57
N LEU A 45 -4.20 7.86 8.21
CA LEU A 45 -5.26 8.01 9.19
C LEU A 45 -5.62 6.68 9.84
N LYS A 46 -5.10 5.59 9.30
CA LYS A 46 -5.52 4.26 9.71
C LYS A 46 -4.50 3.45 10.50
N ALA A 47 -3.25 3.90 10.51
CA ALA A 47 -2.20 3.19 11.24
C ALA A 47 -1.07 4.14 11.62
N PRO A 48 -0.44 3.92 12.80
CA PRO A 48 0.68 4.80 13.17
C PRO A 48 1.95 4.56 12.36
N LEU A 49 2.80 5.58 12.32
CA LEU A 49 4.18 5.45 11.84
C LEU A 49 4.98 4.48 12.70
N GLU A 50 6.00 3.87 12.09
CA GLU A 50 6.96 3.09 12.84
C GLU A 50 8.00 4.03 13.41
N PRO A 51 8.67 3.64 14.52
CA PRO A 51 9.65 4.54 15.13
C PRO A 51 10.75 4.99 14.16
N GLU A 52 11.08 4.18 13.16
CA GLU A 52 12.14 4.53 12.22
C GLU A 52 11.72 5.67 11.30
N GLN A 53 10.42 5.94 11.25
CA GLN A 53 9.90 6.96 10.36
C GLN A 53 9.80 8.32 11.04
N VAL A 54 10.26 8.38 12.29
CA VAL A 54 10.14 9.58 13.11
C VAL A 54 11.39 10.46 13.05
N LEU A 55 11.21 11.73 12.68
CA LEU A 55 12.34 12.65 12.63
C LEU A 55 12.68 13.17 14.02
N GLY A 56 13.97 13.26 14.36
CA GLY A 56 14.39 13.83 15.64
C GLY A 56 14.42 15.35 15.63
N THR A 57 14.84 15.97 16.74
CA THR A 57 14.92 17.43 16.81
C THR A 57 16.34 17.96 16.97
N SER A 58 17.33 17.09 16.83
CA SER A 58 18.72 17.52 16.75
C SER A 58 18.88 18.38 15.50
N SER A 59 19.90 19.24 15.48
CA SER A 59 20.12 20.10 14.32
C SER A 59 20.30 19.29 13.06
N THR A 60 21.01 18.19 13.16
CA THR A 60 21.26 17.34 12.01
C THR A 60 19.95 16.73 11.50
N GLU A 61 19.10 16.30 12.43
CA GLU A 61 17.81 15.75 12.06
C GLU A 61 16.90 16.82 11.44
N LEU A 62 16.80 17.98 12.08
CA LEU A 62 15.98 19.06 11.54
C LEU A 62 16.41 19.41 10.13
N ASN A 63 17.71 19.50 9.90
CA ASN A 63 18.16 19.94 8.59
C ASN A 63 17.98 18.89 7.49
N ARG A 64 17.60 17.67 7.86
CA ARG A 64 17.22 16.69 6.86
C ARG A 64 16.03 17.18 6.04
N LEU A 65 15.21 18.05 6.63
CA LEU A 65 14.07 18.61 5.93
C LEU A 65 14.47 19.47 4.73
N LEU A 66 15.74 19.87 4.66
CA LEU A 66 16.23 20.67 3.55
C LEU A 66 16.66 19.83 2.36
N GLU A 67 16.81 18.54 2.60
CA GLU A 67 17.17 17.60 1.54
C GLU A 67 16.11 17.57 0.45
N PRO A 68 16.56 17.54 -0.82
CA PRO A 68 15.60 17.39 -1.91
C PRO A 68 14.85 16.08 -1.76
N GLY A 69 13.68 15.96 -2.39
CA GLY A 69 12.91 14.74 -2.27
C GLY A 69 12.28 14.59 -0.89
N TYR A 70 11.82 13.39 -0.59
CA TYR A 70 11.07 13.16 0.63
C TYR A 70 11.79 12.24 1.59
N LEU A 71 11.39 12.33 2.85
CA LEU A 71 11.88 11.45 3.91
C LEU A 71 10.83 10.38 4.17
N GLU A 72 11.18 9.37 4.95
CA GLU A 72 10.20 8.38 5.37
C GLU A 72 9.13 9.02 6.27
N GLY A 73 7.88 8.68 6.03
CA GLY A 73 6.77 9.16 6.85
C GLY A 73 6.51 10.65 6.75
N GLU A 74 6.35 11.17 5.54
CA GLU A 74 6.03 12.58 5.37
C GLU A 74 4.70 12.91 6.03
N THR A 75 3.81 11.92 6.09
CA THR A 75 2.51 12.11 6.72
C THR A 75 2.19 10.93 7.63
N GLY A 76 1.83 11.23 8.87
CA GLY A 76 1.52 10.18 9.81
C GLY A 76 1.58 10.68 11.24
N TYR A 77 1.32 9.77 12.18
CA TYR A 77 1.40 10.10 13.60
C TYR A 77 1.90 8.86 14.34
N CYS A 78 2.41 9.07 15.54
CA CYS A 78 2.61 7.95 16.45
C CYS A 78 2.80 8.45 17.86
N GLY A 79 2.66 7.54 18.81
CA GLY A 79 3.09 7.79 20.16
C GLY A 79 4.61 7.67 20.22
N LEU A 80 5.20 8.34 21.21
CA LEU A 80 6.63 8.27 21.48
C LEU A 80 6.83 7.64 22.86
N PRO A 81 8.04 7.09 23.15
CA PRO A 81 8.34 6.27 24.33
C PRO A 81 7.75 6.68 25.68
N ASP A 82 7.93 7.91 26.11
CA ASP A 82 7.47 8.28 27.45
C ASP A 82 6.28 9.22 27.44
N GLY A 83 5.25 8.84 26.70
CA GLY A 83 3.97 9.54 26.74
C GLY A 83 3.85 10.70 25.76
N ALA A 84 4.92 10.99 25.03
CA ALA A 84 4.89 12.10 24.08
C ALA A 84 4.28 11.64 22.75
N GLY A 85 4.18 12.55 21.80
CA GLY A 85 3.57 12.21 20.53
C GLY A 85 4.28 12.87 19.37
N TYR A 86 3.96 12.42 18.16
CA TYR A 86 4.61 12.94 16.96
C TYR A 86 3.66 12.96 15.80
N THR A 87 3.71 14.05 15.04
CA THR A 87 2.87 14.22 13.88
C THR A 87 3.70 14.77 12.74
N SER A 88 3.57 14.16 11.56
CA SER A 88 4.13 14.72 10.35
C SER A 88 2.98 14.89 9.38
N SER A 89 3.03 15.91 8.55
CA SER A 89 1.92 16.12 7.62
C SER A 89 2.36 16.89 6.40
N LEU A 90 2.16 16.29 5.24
CA LEU A 90 2.48 16.94 3.98
C LEU A 90 1.18 17.39 3.31
N VAL A 91 1.09 18.67 2.95
CA VAL A 91 -0.11 19.18 2.30
C VAL A 91 0.30 19.96 1.05
N ARG A 92 -0.36 19.67 -0.07
CA ARG A 92 -0.04 20.37 -1.31
C ARG A 92 -0.87 21.62 -1.50
N PHE A 93 -0.20 22.67 -1.98
CA PHE A 93 -0.82 23.96 -2.26
C PHE A 93 -0.68 24.30 -3.75
N PRO A 94 -1.43 23.60 -4.60
CA PRO A 94 -1.30 23.91 -6.04
C PRO A 94 -1.73 25.34 -6.31
N GLY A 95 -0.96 26.03 -7.16
CA GLY A 95 -1.34 27.38 -7.55
C GLY A 95 -0.97 28.47 -6.55
N ALA A 96 -0.30 28.08 -5.47
CA ALA A 96 0.12 29.04 -4.46
C ALA A 96 1.63 29.21 -4.47
N THR A 97 2.11 30.31 -3.87
CA THR A 97 3.53 30.53 -3.71
C THR A 97 3.85 30.66 -2.22
N PRO A 98 5.09 30.33 -1.82
CA PRO A 98 5.48 30.45 -0.41
C PRO A 98 5.22 31.84 0.14
N GLU A 99 5.41 32.87 -0.68
CA GLU A 99 5.06 34.22 -0.25
C GLU A 99 3.64 34.35 0.32
N MET A 100 2.70 33.62 -0.26
CA MET A 100 1.32 33.68 0.21
C MET A 100 1.21 33.12 1.62
N PHE A 101 2.07 32.15 1.92
CA PHE A 101 2.06 31.50 3.23
C PHE A 101 2.63 32.45 4.28
N ARG A 102 3.74 33.11 3.98
CA ARG A 102 4.28 34.14 4.85
C ARG A 102 3.23 35.22 5.10
N TRP A 103 2.55 35.63 4.04
CA TRP A 103 1.52 36.64 4.19
C TRP A 103 0.40 36.15 5.11
N TRP A 104 -0.08 34.94 4.83
CA TRP A 104 -1.18 34.36 5.60
C TRP A 104 -0.86 34.30 7.09
N PHE A 105 0.38 33.98 7.43
CA PHE A 105 0.70 33.78 8.84
C PHE A 105 0.75 35.07 9.67
N TRP A 106 0.75 36.24 9.04
CA TRP A 106 0.48 37.43 9.83
C TRP A 106 -0.94 37.90 9.62
N TRP A 107 -1.43 37.85 8.39
CA TRP A 107 -2.70 38.46 8.07
C TRP A 107 -3.87 37.84 8.84
N HIS A 108 -3.90 36.52 8.98
CA HIS A 108 -4.99 35.89 9.71
C HIS A 108 -5.03 36.25 11.20
N SER A 109 -3.89 36.66 11.76
CA SER A 109 -3.75 36.71 13.22
C SER A 109 -4.36 37.95 13.87
N PHE A 110 -4.86 38.89 13.08
CA PHE A 110 -5.30 40.16 13.65
C PHE A 110 -6.81 40.27 13.76
N GLU A 111 -7.53 39.26 13.27
CA GLU A 111 -8.97 39.19 13.44
C GLU A 111 -9.39 37.74 13.59
N PRO A 112 -10.19 37.46 14.63
CA PRO A 112 -10.70 36.10 14.86
C PRO A 112 -11.44 35.55 13.64
N GLU A 113 -12.19 36.41 12.94
CA GLU A 113 -12.96 35.98 11.78
C GLU A 113 -12.06 35.46 10.65
N ARG A 114 -10.89 36.09 10.49
CA ARG A 114 -9.93 35.64 9.47
C ARG A 114 -9.40 34.25 9.81
N TYR A 115 -9.10 34.08 11.10
CA TYR A 115 -8.62 32.81 11.61
C TYR A 115 -9.68 31.71 11.39
N SER A 116 -10.96 32.07 11.48
CA SER A 116 -12.01 31.06 11.30
C SER A 116 -12.12 30.56 9.85
N LEU A 117 -11.68 31.34 8.87
CA LEU A 117 -11.64 30.88 7.47
C LEU A 117 -10.85 29.59 7.33
N TRP A 118 -9.79 29.50 8.12
CA TRP A 118 -8.76 28.48 8.01
C TRP A 118 -9.27 27.11 8.47
N HIS A 119 -9.93 27.11 9.63
CA HIS A 119 -10.63 25.91 10.08
C HIS A 119 -11.98 26.33 10.63
N PRO A 120 -13.00 26.35 9.76
CA PRO A 120 -14.32 26.83 10.14
C PRO A 120 -14.90 26.11 11.37
N TRP A 121 -14.52 24.86 11.57
CA TRP A 121 -15.08 24.02 12.64
C TRP A 121 -14.34 24.14 13.98
N CYS A 122 -13.06 24.45 13.95
CA CYS A 122 -12.23 24.32 15.14
C CYS A 122 -11.65 25.65 15.67
N HIS A 123 -11.57 26.68 14.83
CA HIS A 123 -10.93 27.95 15.23
C HIS A 123 -11.92 28.89 15.88
N ALA A 124 -11.73 29.17 17.17
CA ALA A 124 -12.72 29.96 17.89
C ALA A 124 -12.26 31.40 18.15
N ASP A 125 -10.97 31.56 18.46
CA ASP A 125 -10.47 32.90 18.77
C ASP A 125 -8.96 33.00 18.56
N ILE A 126 -8.50 34.22 18.28
CA ILE A 126 -7.09 34.49 18.23
C ILE A 126 -6.87 35.95 18.58
N TRP A 127 -5.81 36.22 19.32
CA TRP A 127 -5.40 37.60 19.58
C TRP A 127 -3.90 37.75 19.81
N ARG A 128 -3.39 38.95 19.50
CA ARG A 128 -2.00 39.34 19.70
C ARG A 128 -2.05 40.69 20.36
N THR A 129 -0.98 41.08 21.02
CA THR A 129 -0.97 42.33 21.76
C THR A 129 -0.18 43.43 21.04
N ASP A 130 0.20 43.17 19.79
CA ASP A 130 0.84 44.17 18.94
C ASP A 130 0.02 44.49 17.70
N PRO A 131 -1.16 45.10 17.89
CA PRO A 131 -2.02 45.33 16.72
C PRO A 131 -1.35 46.25 15.70
N GLU A 132 -0.50 47.14 16.17
CA GLU A 132 0.26 48.05 15.31
C GLU A 132 1.07 47.32 14.23
N THR A 133 1.46 46.09 14.51
CA THR A 133 2.28 45.33 13.57
C THR A 133 1.54 45.03 12.27
N GLU A 134 0.21 45.02 12.31
CA GLU A 134 -0.54 44.72 11.10
C GLU A 134 -0.31 45.77 10.01
N THR A 135 -0.25 47.03 10.41
CA THR A 135 -0.20 48.10 9.44
C THR A 135 1.10 48.91 9.49
N ALA A 136 2.06 48.48 10.30
CA ALA A 136 3.36 49.15 10.35
C ALA A 136 4.02 49.15 8.98
N PRO A 137 4.48 50.33 8.53
CA PRO A 137 5.09 50.38 7.20
C PRO A 137 6.40 49.61 7.09
N ASN A 138 6.67 49.11 5.89
CA ASN A 138 7.99 48.61 5.53
C ASN A 138 8.42 47.32 6.22
N LEU A 139 7.49 46.59 6.85
CA LEU A 139 7.87 45.31 7.40
C LEU A 139 7.67 44.21 6.36
N THR A 140 8.59 43.26 6.32
CA THR A 140 8.41 42.06 5.51
C THR A 140 7.27 41.23 6.09
N ASP A 141 6.80 40.26 5.32
CA ASP A 141 5.73 39.39 5.81
C ASP A 141 6.19 38.66 7.04
N GLU A 142 7.42 38.15 7.00
CA GLU A 142 7.98 37.45 8.15
C GLU A 142 8.08 38.33 9.39
N GLN A 143 8.48 39.59 9.21
CA GLN A 143 8.61 40.51 10.34
C GLN A 143 7.28 40.74 11.06
N ARG A 144 6.18 40.46 10.36
CA ARG A 144 4.88 40.68 10.94
C ARG A 144 4.35 39.46 11.71
N TYR A 145 5.08 38.35 11.74
CA TYR A 145 4.72 37.31 12.71
C TYR A 145 5.89 36.65 13.44
N VAL A 146 7.07 36.60 12.85
CA VAL A 146 8.18 35.98 13.57
C VAL A 146 8.50 36.84 14.78
N GLY A 147 8.56 36.20 15.94
CA GLY A 147 8.74 36.88 17.21
C GLY A 147 7.44 37.23 17.92
N SER A 148 6.31 37.08 17.23
CA SER A 148 5.03 37.47 17.82
C SER A 148 4.44 36.27 18.54
N THR A 149 3.50 36.53 19.44
CA THR A 149 2.83 35.46 20.16
C THR A 149 1.36 35.51 19.82
N HIS A 150 0.83 34.40 19.31
CA HIS A 150 -0.59 34.31 18.97
C HIS A 150 -1.32 33.60 20.08
N HIS A 151 -2.31 34.27 20.68
CA HIS A 151 -3.09 33.64 21.75
C HIS A 151 -4.35 33.03 21.13
N ILE A 152 -4.43 31.71 21.17
CA ILE A 152 -5.37 30.95 20.36
C ILE A 152 -6.30 30.12 21.22
N ASN A 153 -7.58 30.18 20.90
CA ASN A 153 -8.57 29.22 21.42
C ASN A 153 -9.07 28.39 20.26
N GLU A 154 -8.84 27.08 20.32
CA GLU A 154 -9.32 26.19 19.27
C GLU A 154 -9.50 24.78 19.75
N TYR A 155 -10.19 24.00 18.94
CA TYR A 155 -10.37 22.58 19.16
C TYR A 155 -9.30 21.80 18.42
N ILE A 156 -8.60 20.93 19.13
CA ILE A 156 -7.75 19.94 18.46
C ILE A 156 -8.14 18.59 19.04
N GLY A 157 -9.37 18.18 18.73
CA GLY A 157 -10.02 17.12 19.46
C GLY A 157 -11.37 17.61 19.97
N GLN A 158 -11.82 17.06 21.10
CA GLN A 158 -13.18 17.28 21.57
C GLN A 158 -13.38 18.59 22.32
N ASP A 159 -12.31 19.11 22.91
CA ASP A 159 -12.44 20.18 23.88
C ASP A 159 -11.66 21.39 23.44
N PRO A 160 -12.12 22.59 23.84
CA PRO A 160 -11.36 23.78 23.48
C PRO A 160 -10.05 23.84 24.26
N LEU A 161 -9.00 24.30 23.58
CA LEU A 161 -7.70 24.49 24.20
C LEU A 161 -7.38 25.96 24.13
N ASP A 162 -6.75 26.48 25.18
CA ASP A 162 -6.18 27.80 25.14
C ASP A 162 -4.68 27.67 25.07
N ILE A 163 -4.12 28.07 23.93
CA ILE A 163 -2.71 27.92 23.71
C ILE A 163 -2.06 29.23 23.27
N GLU A 164 -0.74 29.27 23.36
CA GLU A 164 0.04 30.43 22.97
C GLU A 164 1.17 29.98 22.07
N ILE A 165 1.17 30.50 20.85
CA ILE A 165 2.22 30.14 19.90
C ILE A 165 3.15 31.32 19.67
N THR A 166 4.44 31.11 19.95
CA THR A 166 5.44 32.15 19.69
C THR A 166 6.32 31.68 18.54
N PHE A 167 6.30 32.43 17.44
CA PHE A 167 7.02 32.07 16.24
C PHE A 167 8.48 32.51 16.33
N ILE A 168 9.38 31.62 15.93
CA ILE A 168 10.80 31.89 16.07
C ILE A 168 11.52 31.81 14.73
N ASP A 169 12.71 32.40 14.68
CA ASP A 169 13.64 32.20 13.57
C ASP A 169 14.18 30.74 13.65
N PRO A 170 13.94 29.93 12.59
CA PRO A 170 14.36 28.52 12.62
C PRO A 170 15.84 28.34 12.97
N ALA A 171 16.64 29.37 12.69
CA ALA A 171 18.06 29.34 13.05
C ALA A 171 18.25 29.06 14.54
N ARG A 172 17.31 29.54 15.35
CA ARG A 172 17.33 29.34 16.80
C ARG A 172 17.36 27.86 17.18
N TRP A 173 16.80 27.02 16.32
CA TRP A 173 16.72 25.59 16.60
C TRP A 173 17.82 24.79 15.88
N GLY A 174 18.72 25.50 15.20
CA GLY A 174 19.82 24.84 14.51
C GLY A 174 19.59 24.58 13.04
N PHE A 175 18.44 25.02 12.53
CA PHE A 175 18.20 24.93 11.10
C PHE A 175 19.24 25.78 10.39
N ASP A 176 19.75 25.29 9.27
CA ASP A 176 20.54 26.13 8.37
C ASP A 176 19.61 27.11 7.66
N ALA A 177 19.20 28.16 8.37
CA ALA A 177 18.19 29.09 7.89
C ALA A 177 18.66 29.87 6.68
N ASP A 178 19.96 30.15 6.64
CA ASP A 178 20.54 30.85 5.50
C ASP A 178 20.57 29.97 4.26
N GLY A 179 20.31 28.67 4.44
CA GLY A 179 20.30 27.70 3.36
C GLY A 179 18.91 27.33 2.85
N PHE A 180 17.87 27.93 3.45
CA PHE A 180 16.49 27.66 3.04
C PHE A 180 16.25 27.93 1.54
N ALA A 181 16.67 29.09 1.07
CA ALA A 181 16.40 29.49 -0.32
C ALA A 181 16.98 28.47 -1.29
N ALA A 182 18.20 28.01 -1.03
CA ALA A 182 18.83 27.02 -1.89
C ALA A 182 18.06 25.70 -1.88
N ALA A 183 17.40 25.38 -0.77
CA ALA A 183 16.68 24.12 -0.64
C ALA A 183 15.23 24.26 -1.12
N GLY A 184 14.92 25.41 -1.70
CA GLY A 184 13.59 25.66 -2.22
C GLY A 184 12.58 25.95 -1.12
N ILE A 185 13.06 26.25 0.09
CA ILE A 185 12.17 26.58 1.20
C ILE A 185 11.89 28.07 1.20
N GLY A 186 10.69 28.45 0.79
CA GLY A 186 10.38 29.86 0.61
C GLY A 186 9.63 30.49 1.76
N ALA A 187 9.13 29.67 2.68
CA ALA A 187 8.48 30.19 3.87
C ALA A 187 8.62 29.21 5.04
N HIS A 188 8.55 29.76 6.24
CA HIS A 188 8.54 28.94 7.43
C HIS A 188 7.60 29.52 8.47
N ALA A 189 7.07 28.64 9.29
CA ALA A 189 6.30 29.05 10.45
C ALA A 189 6.59 28.03 11.51
N CYS A 190 7.57 28.35 12.34
CA CYS A 190 8.03 27.46 13.39
C CYS A 190 7.88 28.12 14.75
N GLY A 191 7.52 27.32 15.73
CA GLY A 191 7.52 27.85 17.08
C GLY A 191 7.10 26.86 18.14
N SER A 192 7.08 27.36 19.36
CA SER A 192 6.62 26.59 20.50
C SER A 192 5.14 26.85 20.78
N VAL A 193 4.39 25.78 20.98
CA VAL A 193 2.99 25.86 21.35
C VAL A 193 2.88 25.55 22.84
N LEU A 194 2.54 26.57 23.63
CA LEU A 194 2.44 26.42 25.08
C LEU A 194 1.01 26.54 25.54
N MET A 195 0.68 25.86 26.63
CA MET A 195 -0.65 25.96 27.21
C MET A 195 -0.79 27.29 27.94
N LYS A 196 -1.92 27.95 27.77
CA LYS A 196 -2.20 29.18 28.52
C LYS A 196 -2.09 28.90 30.02
N GLY A 197 -1.55 29.86 30.76
CA GLY A 197 -1.46 29.71 32.22
C GLY A 197 -0.32 28.83 32.67
N SER A 198 -0.45 27.52 32.47
CA SER A 198 0.56 26.56 32.92
C SER A 198 1.89 26.68 32.15
N HIS A 199 1.79 27.13 30.91
CA HIS A 199 2.91 27.18 29.96
C HIS A 199 3.58 25.84 29.71
N MET A 200 2.87 24.76 29.97
CA MET A 200 3.37 23.44 29.61
C MET A 200 3.50 23.37 28.09
N ARG A 201 4.50 22.64 27.61
CA ARG A 201 4.70 22.52 26.16
C ARG A 201 3.70 21.55 25.54
N LEU A 202 2.83 22.06 24.68
CA LEU A 202 1.93 21.20 23.92
C LEU A 202 2.65 20.68 22.67
N ALA A 203 3.45 21.54 22.02
CA ALA A 203 4.18 21.12 20.84
C ALA A 203 5.38 21.98 20.48
N THR A 204 6.40 21.32 19.95
CA THR A 204 7.39 21.97 19.12
C THR A 204 6.86 21.83 17.71
N MET A 205 6.76 22.95 17.00
CA MET A 205 6.04 22.99 15.72
C MET A 205 6.91 23.51 14.60
N VAL A 206 6.93 22.77 13.48
CA VAL A 206 7.63 23.18 12.27
C VAL A 206 6.68 23.13 11.06
N HIS A 207 6.63 24.23 10.32
CA HIS A 207 5.95 24.29 9.04
C HIS A 207 6.96 24.84 8.05
N LEU A 208 7.26 24.08 6.98
CA LEU A 208 8.15 24.55 5.92
C LEU A 208 7.41 24.50 4.59
N ALA A 209 7.39 25.63 3.88
CA ALA A 209 6.80 25.67 2.56
C ALA A 209 7.89 25.53 1.48
N ARG A 210 7.85 24.43 0.75
CA ARG A 210 8.86 24.13 -0.26
C ARG A 210 8.28 24.25 -1.67
N ILE A 211 8.93 25.07 -2.49
CA ILE A 211 8.52 25.31 -3.88
C ILE A 211 8.40 24.02 -4.68
N THR A 212 7.31 23.90 -5.43
CA THR A 212 7.12 22.82 -6.41
C THR A 212 6.74 23.45 -7.75
N ASP A 213 6.71 22.69 -8.84
CA ASP A 213 6.35 23.33 -10.10
C ASP A 213 4.88 23.74 -10.10
N ASP A 214 4.06 23.01 -9.35
CA ASP A 214 2.61 23.26 -9.29
C ASP A 214 2.23 24.41 -8.34
N GLY A 215 3.12 24.75 -7.42
CA GLY A 215 2.84 25.72 -6.37
C GLY A 215 3.84 25.60 -5.24
N PHE A 216 3.40 25.17 -4.07
CA PHE A 216 4.35 24.70 -3.09
C PHE A 216 3.75 23.55 -2.30
N GLU A 217 4.58 22.89 -1.51
CA GLU A 217 4.10 21.84 -0.63
C GLU A 217 4.47 22.23 0.80
N LEU A 218 3.56 22.00 1.73
CA LEU A 218 3.78 22.30 3.13
C LEU A 218 4.17 21.03 3.84
N ARG A 219 5.34 21.06 4.47
CA ARG A 219 5.83 19.93 5.23
C ARG A 219 5.87 20.33 6.69
N SER A 220 5.09 19.61 7.50
CA SER A 220 4.89 20.01 8.89
C SER A 220 5.32 18.91 9.85
N ARG A 221 5.88 19.31 10.97
CA ARG A 221 6.29 18.36 12.00
C ARG A 221 5.82 18.88 13.35
N TYR A 222 5.33 18.00 14.20
CA TYR A 222 4.97 18.38 15.57
C TYR A 222 5.54 17.36 16.52
N TRP A 223 6.33 17.81 17.48
CA TRP A 223 6.70 16.93 18.57
C TRP A 223 5.83 17.31 19.75
N ILE A 224 4.88 16.43 20.05
CA ILE A 224 3.83 16.69 21.03
C ILE A 224 4.26 16.35 22.46
N ALA A 225 4.00 17.28 23.37
CA ALA A 225 4.24 17.10 24.80
C ALA A 225 5.70 16.73 25.08
N ASP A 226 6.62 17.38 24.39
CA ASP A 226 8.04 17.11 24.53
C ASP A 226 8.59 17.86 25.74
N ARG A 227 9.83 17.55 26.14
CA ARG A 227 10.31 18.08 27.42
C ARG A 227 11.02 19.43 27.26
N ALA A 228 11.51 19.74 26.06
CA ALA A 228 12.16 21.03 25.86
C ALA A 228 12.13 21.56 24.42
N GLU A 229 12.22 22.88 24.30
CA GLU A 229 12.47 23.53 23.03
C GLU A 229 13.83 23.07 22.49
N PRO A 230 13.93 22.78 21.18
CA PRO A 230 15.21 22.37 20.61
C PRO A 230 16.33 23.36 20.92
N ARG A 231 17.51 22.85 21.30
CA ARG A 231 18.71 23.65 21.58
C ARG A 231 18.57 24.45 22.88
N HIS A 232 17.56 24.09 23.67
CA HIS A 232 17.32 24.71 24.97
C HIS A 232 17.09 23.67 26.06
N ASP A 233 17.41 24.04 27.31
CA ASP A 233 17.11 23.19 28.46
C ASP A 233 15.63 23.22 28.79
N PRO A 234 15.12 22.14 29.43
CA PRO A 234 13.76 22.18 29.98
C PRO A 234 13.58 23.39 30.90
N VAL A 235 12.39 23.98 30.90
CA VAL A 235 12.18 25.19 31.69
C VAL A 235 11.88 24.84 33.14
N ALA A 236 12.63 25.44 34.06
CA ALA A 236 12.52 25.12 35.47
C ALA A 236 11.16 25.52 36.02
N GLY A 237 10.55 24.62 36.78
CA GLY A 237 9.31 24.90 37.45
C GLY A 237 8.09 24.41 36.70
N ILE A 238 8.28 23.97 35.46
CA ILE A 238 7.14 23.61 34.62
C ILE A 238 7.15 22.15 34.21
N ALA A 239 6.07 21.44 34.54
CA ALA A 239 5.98 20.01 34.28
C ALA A 239 5.74 19.71 32.80
N GLN A 240 6.26 18.57 32.35
CA GLN A 240 5.99 18.08 31.01
C GLN A 240 4.50 17.73 30.93
N LEU A 241 3.90 17.95 29.77
CA LEU A 241 2.47 17.76 29.62
C LEU A 241 2.07 16.30 29.86
N THR A 242 3.03 15.40 29.67
CA THR A 242 2.79 13.97 29.87
C THR A 242 2.50 13.62 31.33
N THR A 243 2.72 14.59 32.23
CA THR A 243 2.45 14.37 33.66
C THR A 243 0.99 14.57 34.00
N VAL A 244 0.25 15.21 33.10
CA VAL A 244 -1.16 15.49 33.31
C VAL A 244 -1.98 14.20 33.28
N PRO A 245 -2.79 13.97 34.32
CA PRO A 245 -3.62 12.77 34.35
C PRO A 245 -4.58 12.72 33.16
N GLY A 246 -4.55 11.61 32.42
CA GLY A 246 -5.48 11.42 31.33
C GLY A 246 -4.98 11.95 30.00
N PHE A 247 -3.80 12.57 30.00
CA PHE A 247 -3.29 13.06 28.73
C PHE A 247 -2.64 11.91 27.95
N SER A 248 -2.92 11.86 26.65
CA SER A 248 -2.32 10.83 25.82
C SER A 248 -1.60 11.48 24.65
N GLY A 249 -0.27 11.41 24.66
CA GLY A 249 0.52 11.94 23.57
C GLY A 249 0.17 11.28 22.24
N GLU A 250 -0.10 9.99 22.29
CA GLU A 250 -0.44 9.23 21.12
C GLU A 250 -1.75 9.72 20.51
N ARG A 251 -2.77 9.82 21.35
CA ARG A 251 -4.07 10.31 20.87
C ARG A 251 -3.99 11.76 20.42
N GLN A 252 -3.22 12.57 21.13
CA GLN A 252 -3.10 13.98 20.75
C GLN A 252 -2.43 14.12 19.39
N ALA A 253 -1.43 13.29 19.12
CA ALA A 253 -0.76 13.31 17.83
C ALA A 253 -1.71 12.92 16.71
N TYR A 254 -2.62 11.98 16.98
CA TYR A 254 -3.60 11.63 15.96
C TYR A 254 -4.53 12.80 15.69
N GLU A 255 -4.96 13.48 16.75
CA GLU A 255 -5.82 14.64 16.56
C GLU A 255 -5.09 15.72 15.77
N GLN A 256 -3.81 15.92 16.07
CA GLN A 256 -3.03 16.92 15.37
C GLN A 256 -2.87 16.59 13.88
N LEU A 257 -2.78 15.29 13.56
CA LEU A 257 -2.70 14.85 12.15
C LEU A 257 -3.97 15.16 11.39
N VAL A 258 -5.11 14.80 11.98
CA VAL A 258 -6.41 15.08 11.38
C VAL A 258 -6.62 16.58 11.23
N HIS A 259 -6.22 17.31 12.27
CA HIS A 259 -6.38 18.76 12.33
C HIS A 259 -5.53 19.46 11.26
N ASP A 260 -4.25 19.08 11.17
CA ASP A 260 -3.36 19.64 10.16
C ASP A 260 -3.86 19.36 8.74
N GLN A 261 -4.15 18.09 8.45
CA GLN A 261 -4.65 17.73 7.12
C GLN A 261 -5.95 18.45 6.80
N THR A 262 -6.83 18.58 7.78
CA THR A 262 -8.11 19.23 7.53
C THR A 262 -7.94 20.71 7.23
N GLU A 263 -7.21 21.43 8.09
CA GLU A 263 -7.18 22.89 7.94
C GLU A 263 -6.22 23.34 6.84
N PHE A 264 -5.08 22.67 6.67
CA PHE A 264 -4.20 23.15 5.61
C PHE A 264 -4.70 22.76 4.23
N ASN A 265 -5.38 21.62 4.10
CA ASN A 265 -6.02 21.37 2.82
C ASN A 265 -7.11 22.39 2.58
N HIS A 266 -7.82 22.77 3.62
CA HIS A 266 -8.84 23.76 3.46
C HIS A 266 -8.21 25.09 3.04
N LEU A 267 -7.10 25.47 3.67
CA LEU A 267 -6.44 26.72 3.33
C LEU A 267 -5.99 26.71 1.86
N ALA A 268 -5.54 25.55 1.39
CA ALA A 268 -5.09 25.43 0.01
C ALA A 268 -6.21 25.75 -0.99
N THR A 269 -7.46 25.56 -0.61
CA THR A 269 -8.56 25.79 -1.57
C THR A 269 -8.81 27.27 -1.86
N PHE A 270 -8.37 28.17 -0.98
CA PHE A 270 -8.68 29.58 -1.21
C PHE A 270 -7.49 30.52 -1.01
N LEU A 271 -6.32 29.99 -0.63
CA LEU A 271 -5.19 30.87 -0.34
C LEU A 271 -4.80 31.74 -1.54
N PRO A 272 -4.71 31.16 -2.75
CA PRO A 272 -4.30 32.08 -3.82
C PRO A 272 -5.32 33.20 -4.09
N ASP A 273 -6.62 32.89 -4.03
CA ASP A 273 -7.64 33.92 -4.24
C ASP A 273 -7.63 34.98 -3.15
N ILE A 274 -7.57 34.57 -1.90
CA ILE A 274 -7.66 35.54 -0.84
C ILE A 274 -6.39 36.38 -0.79
N TYR A 275 -5.26 35.80 -1.18
CA TYR A 275 -4.02 36.55 -1.29
C TYR A 275 -4.17 37.62 -2.36
N GLN A 276 -4.79 37.23 -3.46
CA GLN A 276 -4.95 38.15 -4.57
C GLN A 276 -5.86 39.32 -4.19
N GLU A 277 -6.86 39.04 -3.37
CA GLU A 277 -7.85 40.06 -3.01
C GLU A 277 -7.40 40.90 -1.83
N VAL B 1 -20.99 6.90 -1.72
CA VAL B 1 -20.47 6.70 -0.37
C VAL B 1 -19.10 7.37 -0.19
N HIS B 2 -18.80 7.74 1.05
CA HIS B 2 -17.55 8.43 1.37
C HIS B 2 -16.84 7.66 2.47
N PRO B 3 -15.54 7.40 2.31
CA PRO B 3 -14.81 6.57 3.29
C PRO B 3 -14.69 7.27 4.62
N ILE B 4 -14.74 6.53 5.71
CA ILE B 4 -14.53 7.10 7.04
C ILE B 4 -13.16 7.77 7.12
N THR B 5 -13.09 8.95 7.74
CA THR B 5 -11.83 9.69 7.80
C THR B 5 -11.27 9.78 9.21
N TYR B 6 -11.88 9.04 10.14
CA TYR B 6 -11.47 9.13 11.54
C TYR B 6 -11.53 7.79 12.22
N TYR B 7 -10.39 7.33 12.72
CA TYR B 7 -10.26 6.01 13.30
C TYR B 7 -9.53 6.15 14.62
N PRO B 8 -10.26 6.10 15.74
CA PRO B 8 -9.61 6.24 17.06
C PRO B 8 -8.42 5.29 17.17
N VAL B 9 -7.37 5.75 17.83
CA VAL B 9 -6.10 5.03 17.83
C VAL B 9 -6.24 3.58 18.30
N ASP B 10 -7.03 3.34 19.34
CA ASP B 10 -7.21 1.97 19.83
C ASP B 10 -7.86 1.05 18.80
N THR B 11 -8.77 1.60 18.00
CA THR B 11 -9.43 0.78 16.99
C THR B 11 -8.46 0.44 15.86
N GLN B 12 -7.41 1.26 15.71
CA GLN B 12 -6.44 1.01 14.68
C GLN B 12 -5.66 -0.25 15.05
N ARG B 13 -5.51 -0.49 16.34
CA ARG B 13 -4.87 -1.73 16.79
C ARG B 13 -5.85 -2.91 16.69
N LEU B 14 -7.10 -2.68 17.08
CA LEU B 14 -8.12 -3.72 17.04
C LEU B 14 -8.38 -4.27 15.65
N VAL B 15 -8.43 -3.42 14.63
CA VAL B 15 -8.72 -3.92 13.29
C VAL B 15 -7.62 -4.90 12.83
N ARG B 16 -6.40 -4.70 13.31
CA ARG B 16 -5.28 -5.56 12.92
C ARG B 16 -5.31 -6.88 13.70
N SER B 17 -5.59 -6.81 15.00
CA SER B 17 -5.80 -8.03 15.80
C SER B 17 -6.94 -8.84 15.21
N ASN B 18 -8.03 -8.17 14.83
CA ASN B 18 -9.17 -8.86 14.24
C ASN B 18 -8.82 -9.55 12.92
N ALA B 19 -8.07 -8.86 12.07
CA ALA B 19 -7.66 -9.44 10.81
C ALA B 19 -6.84 -10.71 11.08
N GLU B 20 -5.94 -10.64 12.05
CA GLU B 20 -5.06 -11.77 12.36
C GLU B 20 -5.82 -13.00 12.86
N ARG B 21 -6.72 -12.79 13.82
CA ARG B 21 -7.36 -13.93 14.45
C ARG B 21 -8.43 -14.55 13.57
N ILE B 22 -8.91 -13.82 12.56
CA ILE B 22 -9.95 -14.37 11.70
C ILE B 22 -9.38 -15.21 10.55
N ARG B 23 -8.06 -15.22 10.40
CA ARG B 23 -7.45 -16.09 9.39
C ARG B 23 -7.88 -17.55 9.62
N HIS B 24 -8.20 -18.23 8.51
CA HIS B 24 -8.55 -19.65 8.48
C HIS B 24 -9.98 -19.95 8.91
N LYS B 25 -10.72 -18.93 9.30
CA LYS B 25 -12.16 -19.09 9.50
C LYS B 25 -12.80 -19.21 8.13
N PRO B 26 -13.86 -20.03 8.01
CA PRO B 26 -14.45 -20.23 6.68
C PRO B 26 -15.02 -18.93 6.11
N TYR B 27 -15.36 -17.98 6.98
CA TYR B 27 -15.92 -16.69 6.54
C TYR B 27 -14.88 -15.58 6.49
N ALA B 28 -13.60 -15.93 6.59
CA ALA B 28 -12.52 -14.95 6.60
C ALA B 28 -12.59 -13.94 5.44
N HIS B 29 -12.98 -14.37 4.24
CA HIS B 29 -12.87 -13.43 3.12
C HIS B 29 -13.94 -12.32 3.15
N TYR B 30 -14.83 -12.37 4.15
CA TYR B 30 -15.80 -11.30 4.34
C TYR B 30 -15.22 -10.20 5.20
N PHE B 31 -14.06 -10.47 5.77
CA PHE B 31 -13.39 -9.48 6.59
C PHE B 31 -12.77 -8.42 5.68
N ASN B 32 -13.28 -7.21 5.79
CA ASN B 32 -12.85 -6.09 4.96
C ASN B 32 -12.87 -4.83 5.80
N PRO B 33 -11.71 -4.24 6.04
CA PRO B 33 -11.62 -3.03 6.89
C PRO B 33 -12.21 -1.77 6.25
N ASP B 34 -12.46 -1.78 4.95
CA ASP B 34 -12.94 -0.57 4.30
C ASP B 34 -14.35 -0.23 4.74
N VAL B 35 -14.48 0.96 5.30
CA VAL B 35 -15.78 1.43 5.79
C VAL B 35 -16.11 2.80 5.22
N ALA B 36 -17.40 3.07 5.07
CA ALA B 36 -17.87 4.31 4.44
C ALA B 36 -19.31 4.61 4.85
N VAL B 37 -19.74 5.85 4.65
CA VAL B 37 -21.11 6.22 4.91
C VAL B 37 -21.66 6.93 3.68
N PRO B 38 -22.96 6.75 3.41
CA PRO B 38 -23.56 7.30 2.19
C PRO B 38 -23.75 8.80 2.25
N GLU B 39 -23.64 9.44 1.09
CA GLU B 39 -23.79 10.88 0.94
C GLU B 39 -25.08 11.39 1.58
N GLU B 40 -26.12 10.57 1.55
CA GLU B 40 -27.42 11.02 2.04
C GLU B 40 -27.47 11.23 3.54
N VAL B 41 -26.48 10.76 4.30
CA VAL B 41 -26.52 10.98 5.74
C VAL B 41 -25.48 12.01 6.20
N PHE B 42 -24.77 12.63 5.26
CA PHE B 42 -23.73 13.56 5.67
C PHE B 42 -24.26 14.77 6.43
N ALA B 43 -25.46 15.22 6.11
CA ALA B 43 -26.00 16.35 6.86
C ALA B 43 -26.15 15.97 8.34
N ALA B 44 -26.52 14.72 8.60
CA ALA B 44 -26.73 14.26 9.96
C ALA B 44 -25.42 14.17 10.75
N LEU B 45 -24.30 14.04 10.05
CA LEU B 45 -23.01 14.02 10.75
C LEU B 45 -22.56 15.40 11.19
N LYS B 46 -23.22 16.43 10.67
CA LYS B 46 -22.69 17.80 10.82
C LYS B 46 -23.48 18.70 11.75
N ALA B 47 -24.69 18.28 12.11
CA ALA B 47 -25.54 19.10 12.98
C ALA B 47 -26.55 18.22 13.69
N PRO B 48 -26.86 18.56 14.94
CA PRO B 48 -27.83 17.73 15.68
C PRO B 48 -29.26 17.86 15.19
N LEU B 49 -30.08 16.88 15.53
CA LEU B 49 -31.52 16.99 15.34
C LEU B 49 -32.09 18.10 16.18
N GLU B 50 -33.25 18.60 15.76
CA GLU B 50 -34.00 19.56 16.56
C GLU B 50 -34.87 18.77 17.51
N PRO B 51 -35.20 19.34 18.67
CA PRO B 51 -36.01 18.63 19.67
C PRO B 51 -37.32 18.06 19.11
N GLU B 52 -37.91 18.76 18.13
CA GLU B 52 -39.15 18.32 17.53
C GLU B 52 -39.01 17.01 16.78
N GLN B 53 -37.81 16.70 16.32
CA GLN B 53 -37.54 15.53 15.47
C GLN B 53 -37.22 14.25 16.25
N VAL B 54 -37.25 14.34 17.58
CA VAL B 54 -36.94 13.22 18.47
C VAL B 54 -38.18 12.39 18.75
N LEU B 55 -38.07 11.09 18.51
CA LEU B 55 -39.16 10.16 18.81
C LEU B 55 -39.18 9.82 20.30
N GLY B 56 -40.37 9.81 20.89
CA GLY B 56 -40.53 9.41 22.28
C GLY B 56 -40.61 7.90 22.45
N THR B 57 -40.82 7.47 23.70
CA THR B 57 -40.82 6.04 24.03
C THR B 57 -42.18 5.55 24.52
N SER B 58 -43.19 6.41 24.49
CA SER B 58 -44.55 5.93 24.77
C SER B 58 -44.99 4.95 23.68
N SER B 59 -46.02 4.15 23.97
CA SER B 59 -46.55 3.23 22.96
C SER B 59 -46.98 3.96 21.69
N THR B 60 -47.69 5.07 21.85
CA THR B 60 -48.10 5.93 20.74
C THR B 60 -46.94 6.33 19.85
N GLU B 61 -45.86 6.78 20.48
CA GLU B 61 -44.70 7.25 19.74
C GLU B 61 -43.99 6.07 19.06
N LEU B 62 -43.72 5.01 19.80
CA LEU B 62 -43.03 3.85 19.21
C LEU B 62 -43.79 3.29 17.99
N ASN B 63 -45.11 3.26 18.08
CA ASN B 63 -45.92 2.71 17.01
C ASN B 63 -45.99 3.61 15.78
N ARG B 64 -45.52 4.84 15.90
CA ARG B 64 -45.43 5.70 14.72
C ARG B 64 -44.42 5.14 13.71
N LEU B 65 -43.49 4.34 14.20
CA LEU B 65 -42.53 3.65 13.34
C LEU B 65 -43.22 2.65 12.41
N LEU B 66 -44.46 2.28 12.73
CA LEU B 66 -45.20 1.38 11.84
C LEU B 66 -45.91 2.13 10.70
N GLU B 67 -45.97 3.46 10.79
CA GLU B 67 -46.62 4.27 9.75
C GLU B 67 -45.87 4.19 8.42
N PRO B 68 -46.61 4.10 7.30
CA PRO B 68 -45.97 4.13 5.98
C PRO B 68 -45.16 5.40 5.80
N GLY B 69 -44.16 5.37 4.93
CA GLY B 69 -43.33 6.53 4.71
C GLY B 69 -42.39 6.77 5.87
N TYR B 70 -41.95 8.02 6.01
CA TYR B 70 -40.90 8.33 6.95
C TYR B 70 -41.32 9.39 7.95
N LEU B 71 -40.66 9.36 9.11
CA LEU B 71 -40.86 10.35 10.13
C LEU B 71 -39.79 11.42 10.01
N GLU B 72 -39.96 12.50 10.75
CA GLU B 72 -38.93 13.50 10.88
C GLU B 72 -37.68 12.90 11.52
N GLY B 73 -36.52 13.31 11.01
CA GLY B 73 -35.24 12.85 11.55
C GLY B 73 -35.01 11.35 11.55
N GLU B 74 -35.18 10.68 10.40
CA GLU B 74 -34.89 9.24 10.34
C GLU B 74 -33.43 8.93 10.66
N THR B 75 -32.57 9.92 10.42
CA THR B 75 -31.15 9.76 10.71
C THR B 75 -30.64 11.04 11.39
N GLY B 76 -30.05 10.89 12.56
CA GLY B 76 -29.43 12.02 13.24
C GLY B 76 -29.14 11.74 14.70
N TYR B 77 -28.74 12.76 15.43
CA TYR B 77 -28.45 12.59 16.85
C TYR B 77 -28.78 13.89 17.55
N CYS B 78 -28.92 13.87 18.88
CA CYS B 78 -28.91 15.11 19.66
C CYS B 78 -28.76 14.81 21.13
N GLY B 79 -28.44 15.83 21.93
CA GLY B 79 -28.51 15.67 23.37
C GLY B 79 -29.95 15.84 23.80
N LEU B 80 -30.32 15.25 24.93
CA LEU B 80 -31.64 15.46 25.51
C LEU B 80 -31.50 16.22 26.84
N PRO B 81 -32.63 16.75 27.37
CA PRO B 81 -32.54 17.68 28.50
C PRO B 81 -31.91 17.17 29.80
N ASP B 82 -31.93 15.88 30.09
CA ASP B 82 -31.40 15.44 31.38
C ASP B 82 -29.93 15.01 31.26
N GLY B 83 -29.28 15.42 30.17
CA GLY B 83 -27.92 14.98 29.89
C GLY B 83 -27.93 13.66 29.12
N ALA B 84 -29.12 13.18 28.80
CA ALA B 84 -29.27 11.95 28.02
C ALA B 84 -28.99 12.26 26.55
N GLY B 85 -29.12 11.26 25.68
CA GLY B 85 -28.90 11.48 24.27
C GLY B 85 -29.82 10.62 23.41
N TYR B 86 -29.81 10.90 22.11
CA TYR B 86 -30.74 10.25 21.19
C TYR B 86 -30.07 10.04 19.86
N THR B 87 -30.24 8.86 19.30
CA THR B 87 -29.68 8.54 18.00
C THR B 87 -30.75 7.89 17.14
N SER B 88 -30.89 8.35 15.90
CA SER B 88 -31.76 7.70 14.95
C SER B 88 -30.91 7.41 13.71
N SER B 89 -31.14 6.30 13.05
CA SER B 89 -30.28 5.94 11.95
C SER B 89 -30.99 5.02 10.94
N LEU B 90 -31.08 5.47 9.70
CA LEU B 90 -31.66 4.69 8.62
C LEU B 90 -30.54 4.17 7.72
N VAL B 91 -30.51 2.86 7.52
CA VAL B 91 -29.51 2.25 6.66
C VAL B 91 -30.18 1.32 5.67
N ARG B 92 -29.84 1.47 4.39
CA ARG B 92 -30.46 0.64 3.38
C ARG B 92 -29.71 -0.67 3.16
N PHE B 93 -30.47 -1.74 2.96
CA PHE B 93 -29.92 -3.07 2.71
C PHE B 93 -30.43 -3.60 1.37
N PRO B 94 -29.92 -3.05 0.26
CA PRO B 94 -30.36 -3.55 -1.04
C PRO B 94 -30.00 -5.02 -1.22
N GLY B 95 -30.86 -5.77 -1.88
CA GLY B 95 -30.57 -7.18 -2.12
C GLY B 95 -30.74 -8.09 -0.93
N ALA B 96 -31.07 -7.54 0.24
CA ALA B 96 -31.28 -8.39 1.41
C ALA B 96 -32.75 -8.52 1.79
N THR B 97 -33.06 -9.54 2.61
CA THR B 97 -34.39 -9.67 3.18
C THR B 97 -34.33 -9.60 4.72
N PRO B 98 -35.43 -9.20 5.37
CA PRO B 98 -35.55 -9.22 6.83
C PRO B 98 -35.13 -10.55 7.44
N GLU B 99 -35.45 -11.65 6.75
CA GLU B 99 -35.06 -12.98 7.21
C GLU B 99 -33.54 -13.05 7.46
N MET B 100 -32.80 -12.38 6.60
CA MET B 100 -31.34 -12.38 6.69
C MET B 100 -30.90 -11.62 7.94
N PHE B 101 -31.63 -10.55 8.25
CA PHE B 101 -31.34 -9.75 9.43
C PHE B 101 -31.61 -10.56 10.70
N ARG B 102 -32.75 -11.24 10.76
CA ARG B 102 -33.04 -12.12 11.89
C ARG B 102 -31.95 -13.15 12.10
N TRP B 103 -31.50 -13.75 10.99
CA TRP B 103 -30.47 -14.76 11.04
C TRP B 103 -29.18 -14.18 11.58
N TRP B 104 -28.79 -13.05 11.01
CA TRP B 104 -27.54 -12.42 11.40
C TRP B 104 -27.50 -12.15 12.90
N PHE B 105 -28.63 -11.73 13.47
CA PHE B 105 -28.59 -11.29 14.86
C PHE B 105 -28.42 -12.42 15.87
N TRP B 106 -28.60 -13.68 15.47
CA TRP B 106 -28.16 -14.77 16.34
C TRP B 106 -26.82 -15.36 15.88
N TRP B 107 -26.65 -15.53 14.57
CA TRP B 107 -25.47 -16.20 14.04
C TRP B 107 -24.15 -15.55 14.47
N HIS B 108 -24.11 -14.22 14.43
CA HIS B 108 -22.86 -13.52 14.72
C HIS B 108 -22.42 -13.70 16.16
N SER B 109 -23.35 -14.06 17.04
CA SER B 109 -23.11 -13.93 18.47
C SER B 109 -22.42 -15.14 19.08
N PHE B 110 -22.12 -16.14 18.26
CA PHE B 110 -21.53 -17.36 18.80
C PHE B 110 -20.03 -17.44 18.60
N GLU B 111 -19.46 -16.50 17.85
CA GLU B 111 -18.01 -16.41 17.69
C GLU B 111 -17.60 -14.93 17.60
N PRO B 112 -16.56 -14.53 18.34
CA PRO B 112 -16.06 -13.15 18.24
C PRO B 112 -15.64 -12.79 16.82
N GLU B 113 -15.12 -13.76 16.08
CA GLU B 113 -14.64 -13.49 14.73
C GLU B 113 -15.80 -13.10 13.81
N ARG B 114 -16.96 -13.73 14.00
CA ARG B 114 -18.16 -13.38 13.24
C ARG B 114 -18.56 -11.96 13.54
N TYR B 115 -18.58 -11.64 14.84
CA TYR B 115 -18.91 -10.32 15.34
C TYR B 115 -17.97 -9.25 14.73
N SER B 116 -16.69 -9.58 14.61
CA SER B 116 -15.70 -8.65 14.04
C SER B 116 -15.95 -8.31 12.56
N LEU B 117 -16.61 -9.20 11.80
CA LEU B 117 -16.94 -8.89 10.39
C LEU B 117 -17.80 -7.65 10.25
N TRP B 118 -18.67 -7.46 11.24
CA TRP B 118 -19.70 -6.43 11.28
C TRP B 118 -19.10 -5.05 11.46
N HIS B 119 -18.15 -4.95 12.38
CA HIS B 119 -17.38 -3.72 12.55
C HIS B 119 -15.95 -4.11 12.86
N PRO B 120 -15.14 -4.26 11.80
CA PRO B 120 -13.75 -4.71 11.92
C PRO B 120 -12.93 -3.87 12.88
N TRP B 121 -13.28 -2.60 13.02
CA TRP B 121 -12.48 -1.67 13.81
C TRP B 121 -12.88 -1.64 15.27
N CYS B 122 -14.14 -1.92 15.55
CA CYS B 122 -14.66 -1.64 16.90
C CYS B 122 -15.08 -2.86 17.70
N HIS B 123 -15.33 -3.98 17.02
CA HIS B 123 -15.83 -5.17 17.71
C HIS B 123 -14.73 -6.07 18.22
N ALA B 124 -14.66 -6.23 19.54
CA ALA B 124 -13.55 -6.97 20.14
C ALA B 124 -13.97 -8.34 20.64
N ASP B 125 -15.12 -8.44 21.28
CA ASP B 125 -15.53 -9.72 21.84
C ASP B 125 -17.05 -9.85 21.97
N ILE B 126 -17.53 -11.09 21.93
CA ILE B 126 -18.91 -11.35 22.27
C ILE B 126 -19.03 -12.78 22.81
N TRP B 127 -19.86 -12.95 23.83
CA TRP B 127 -20.22 -14.30 24.27
C TRP B 127 -21.63 -14.33 24.83
N ARG B 128 -22.18 -15.54 24.96
CA ARG B 128 -23.46 -15.72 25.64
C ARG B 128 -23.46 -16.98 26.47
N THR B 129 -24.33 -17.03 27.47
CA THR B 129 -24.40 -18.14 28.41
C THR B 129 -25.12 -19.36 27.83
N ASP B 130 -25.68 -19.22 26.63
CA ASP B 130 -26.38 -20.34 26.00
C ASP B 130 -25.87 -20.64 24.59
N PRO B 131 -24.64 -21.19 24.50
CA PRO B 131 -24.10 -21.57 23.19
C PRO B 131 -24.85 -22.77 22.60
N GLU B 132 -25.68 -23.40 23.40
CA GLU B 132 -26.50 -24.52 22.94
C GLU B 132 -27.59 -24.03 21.96
N THR B 133 -27.92 -22.74 22.05
CA THR B 133 -29.02 -22.15 21.29
C THR B 133 -28.77 -22.13 19.77
N GLU B 134 -27.56 -22.51 19.35
CA GLU B 134 -27.32 -22.83 17.93
C GLU B 134 -26.94 -24.30 17.78
N ASP B 141 -35.50 -17.94 13.94
CA ASP B 141 -34.34 -17.07 14.11
C ASP B 141 -34.49 -16.22 15.36
N GLU B 142 -35.70 -15.72 15.58
CA GLU B 142 -35.96 -14.78 16.67
C GLU B 142 -35.74 -15.40 18.03
N GLN B 143 -36.26 -16.61 18.21
CA GLN B 143 -36.08 -17.35 19.46
C GLN B 143 -34.61 -17.53 19.78
N ARG B 144 -33.76 -17.49 18.75
CA ARG B 144 -32.33 -17.71 18.91
C ARG B 144 -31.58 -16.46 19.38
N TYR B 145 -32.24 -15.30 19.43
CA TYR B 145 -31.64 -14.16 20.10
C TYR B 145 -32.57 -13.43 21.04
N VAL B 146 -33.87 -13.50 20.82
CA VAL B 146 -34.79 -12.86 21.76
C VAL B 146 -34.77 -13.68 23.05
N GLY B 147 -34.69 -12.99 24.18
CA GLY B 147 -34.56 -13.68 25.44
C GLY B 147 -33.11 -13.90 25.80
N SER B 148 -32.22 -13.76 24.83
CA SER B 148 -30.81 -13.98 25.10
C SER B 148 -30.10 -12.69 25.47
N THR B 149 -28.99 -12.83 26.19
CA THR B 149 -28.13 -11.69 26.51
C THR B 149 -26.80 -11.85 25.77
N HIS B 150 -26.34 -10.79 25.12
CA HIS B 150 -25.04 -10.82 24.46
C HIS B 150 -24.04 -10.00 25.27
N HIS B 151 -22.97 -10.65 25.72
CA HIS B 151 -21.94 -9.99 26.52
C HIS B 151 -20.85 -9.53 25.56
N ILE B 152 -20.69 -8.23 25.45
CA ILE B 152 -19.96 -7.62 24.35
C ILE B 152 -18.84 -6.72 24.84
N ASN B 153 -17.69 -6.81 24.21
CA ASN B 153 -16.67 -5.80 24.36
C ASN B 153 -16.49 -5.09 23.02
N GLU B 154 -16.67 -3.78 23.00
CA GLU B 154 -16.55 -3.04 21.74
C GLU B 154 -16.27 -1.57 22.02
N TYR B 155 -15.80 -0.89 20.98
CA TYR B 155 -15.59 0.56 21.01
C TYR B 155 -16.80 1.29 20.44
N ILE B 156 -17.31 2.28 21.18
CA ILE B 156 -18.28 3.22 20.64
C ILE B 156 -17.76 4.62 20.96
N GLY B 157 -16.63 4.96 20.34
CA GLY B 157 -15.84 6.10 20.77
C GLY B 157 -14.40 5.64 21.03
N GLN B 158 -13.72 6.29 21.98
CA GLN B 158 -12.27 6.07 22.15
C GLN B 158 -11.90 4.83 22.96
N ASP B 159 -12.81 4.38 23.81
CA ASP B 159 -12.44 3.41 24.84
C ASP B 159 -13.27 2.13 24.73
N PRO B 160 -12.68 0.99 25.10
CA PRO B 160 -13.48 -0.24 25.01
C PRO B 160 -14.53 -0.30 26.11
N LEU B 161 -15.76 -0.68 25.74
CA LEU B 161 -16.86 -0.83 26.70
C LEU B 161 -17.25 -2.30 26.85
N ASP B 162 -17.50 -2.71 28.09
CA ASP B 162 -18.11 -3.98 28.39
C ASP B 162 -19.59 -3.77 28.63
N ILE B 163 -20.41 -4.28 27.72
CA ILE B 163 -21.83 -4.04 27.78
C ILE B 163 -22.60 -5.34 27.65
N GLU B 164 -23.87 -5.31 28.05
CA GLU B 164 -24.73 -6.49 28.04
C GLU B 164 -26.02 -6.12 27.33
N ILE B 165 -26.28 -6.77 26.21
CA ILE B 165 -27.48 -6.48 25.43
C ILE B 165 -28.46 -7.62 25.56
N THR B 166 -29.62 -7.34 26.15
CA THR B 166 -30.66 -8.36 26.26
C THR B 166 -31.82 -8.00 25.36
N PHE B 167 -32.17 -8.92 24.46
CA PHE B 167 -33.21 -8.65 23.48
C PHE B 167 -34.55 -9.08 24.04
N ILE B 168 -35.59 -8.30 23.75
CA ILE B 168 -36.92 -8.56 24.29
C ILE B 168 -37.97 -8.65 23.18
N ASP B 169 -39.14 -9.16 23.54
CA ASP B 169 -40.31 -9.08 22.68
C ASP B 169 -40.82 -7.65 22.68
N PRO B 170 -40.82 -6.99 21.51
CA PRO B 170 -41.21 -5.58 21.40
C PRO B 170 -42.58 -5.27 22.01
N ALA B 171 -43.48 -6.25 22.11
CA ALA B 171 -44.77 -6.04 22.77
C ALA B 171 -44.59 -5.60 24.23
N ARG B 172 -43.47 -5.99 24.82
CA ARG B 172 -43.14 -5.66 26.21
C ARG B 172 -43.02 -4.14 26.40
N TRP B 173 -42.74 -3.43 25.31
CA TRP B 173 -42.56 -1.98 25.37
C TRP B 173 -43.77 -1.21 24.83
N GLY B 174 -44.81 -1.92 24.41
CA GLY B 174 -45.99 -1.26 23.87
C GLY B 174 -46.11 -1.24 22.36
N PHE B 175 -45.14 -1.84 21.68
CA PHE B 175 -45.25 -1.99 20.23
C PHE B 175 -46.47 -2.84 19.87
N ASP B 176 -47.13 -2.45 18.80
CA ASP B 176 -48.19 -3.26 18.22
C ASP B 176 -47.54 -4.38 17.42
N ALA B 177 -47.07 -5.42 18.11
CA ALA B 177 -46.33 -6.51 17.49
C ALA B 177 -47.17 -7.20 16.43
N ASP B 178 -48.46 -7.31 16.68
CA ASP B 178 -49.41 -7.87 15.72
C ASP B 178 -49.39 -7.12 14.40
N GLY B 179 -49.20 -5.81 14.49
CA GLY B 179 -49.27 -4.95 13.32
C GLY B 179 -47.98 -4.88 12.53
N PHE B 180 -46.93 -5.57 12.99
CA PHE B 180 -45.64 -5.53 12.31
C PHE B 180 -45.73 -6.03 10.86
N ALA B 181 -46.35 -7.20 10.67
CA ALA B 181 -46.46 -7.78 9.33
C ALA B 181 -47.09 -6.80 8.34
N ALA B 182 -48.26 -6.29 8.67
CA ALA B 182 -48.95 -5.34 7.80
C ALA B 182 -48.11 -4.11 7.55
N ALA B 183 -47.23 -3.77 8.48
CA ALA B 183 -46.46 -2.54 8.34
C ALA B 183 -45.16 -2.76 7.57
N GLY B 184 -44.94 -3.98 7.09
CA GLY B 184 -43.74 -4.27 6.33
C GLY B 184 -42.53 -4.55 7.19
N ILE B 185 -42.73 -4.63 8.52
CA ILE B 185 -41.62 -4.90 9.43
C ILE B 185 -41.41 -6.40 9.58
N GLY B 186 -40.42 -6.94 8.88
CA GLY B 186 -40.18 -8.37 8.85
C GLY B 186 -39.17 -8.86 9.87
N ALA B 187 -38.50 -7.91 10.52
CA ALA B 187 -37.53 -8.25 11.53
C ALA B 187 -37.41 -7.13 12.54
N HIS B 188 -37.07 -7.50 13.76
CA HIS B 188 -36.85 -6.51 14.77
C HIS B 188 -35.77 -7.04 15.70
N ALA B 189 -35.05 -6.13 16.33
CA ALA B 189 -34.11 -6.51 17.37
C ALA B 189 -34.11 -5.37 18.36
N CYS B 190 -34.87 -5.56 19.43
CA CYS B 190 -35.08 -4.50 20.39
C CYS B 190 -34.57 -4.94 21.73
N GLY B 191 -33.94 -4.04 22.46
CA GLY B 191 -33.45 -4.46 23.74
C GLY B 191 -32.77 -3.39 24.55
N SER B 192 -32.34 -3.80 25.73
CA SER B 192 -31.65 -2.92 26.66
C SER B 192 -30.15 -3.16 26.60
N VAL B 193 -29.39 -2.07 26.60
CA VAL B 193 -27.95 -2.13 26.61
C VAL B 193 -27.46 -1.64 27.97
N LEU B 194 -26.92 -2.55 28.79
CA LEU B 194 -26.46 -2.18 30.14
C LEU B 194 -24.94 -2.25 30.26
N MET B 195 -24.36 -1.44 31.14
CA MET B 195 -22.92 -1.56 31.40
C MET B 195 -22.66 -2.81 32.22
N LYS B 196 -21.65 -3.61 31.83
CA LYS B 196 -21.25 -4.73 32.66
C LYS B 196 -20.87 -4.23 34.05
N GLY B 197 -21.23 -4.96 35.08
CA GLY B 197 -20.80 -4.60 36.42
C GLY B 197 -21.75 -3.65 37.11
N SER B 198 -21.79 -2.39 36.65
CA SER B 198 -22.64 -1.38 37.27
C SER B 198 -24.12 -1.54 36.91
N HIS B 199 -24.39 -2.21 35.80
CA HIS B 199 -25.75 -2.39 35.28
C HIS B 199 -26.38 -1.07 34.87
N MET B 200 -25.59 -0.01 34.77
CA MET B 200 -26.15 1.27 34.30
C MET B 200 -26.66 1.18 32.86
N ARG B 201 -27.76 1.87 32.59
CA ARG B 201 -28.34 1.84 31.26
C ARG B 201 -27.55 2.68 30.27
N LEU B 202 -26.89 2.03 29.32
CA LEU B 202 -26.27 2.77 28.23
C LEU B 202 -27.32 3.17 27.19
N ALA B 203 -28.25 2.25 26.86
CA ALA B 203 -29.26 2.55 25.86
C ALA B 203 -30.52 1.67 25.88
N THR B 204 -31.66 2.29 25.58
CA THR B 204 -32.82 1.59 25.01
C THR B 204 -32.60 1.57 23.50
N MET B 205 -32.71 0.40 22.89
CA MET B 205 -32.31 0.24 21.49
C MET B 205 -33.41 -0.40 20.67
N VAL B 206 -33.70 0.17 19.52
CA VAL B 206 -34.67 -0.40 18.60
C VAL B 206 -34.06 -0.56 17.20
N HIS B 207 -34.15 -1.76 16.63
CA HIS B 207 -33.80 -1.98 15.22
C HIS B 207 -35.01 -2.58 14.53
N LEU B 208 -35.54 -1.90 13.52
CA LEU B 208 -36.69 -2.42 12.75
C LEU B 208 -36.31 -2.53 11.28
N ALA B 209 -36.48 -3.73 10.72
CA ALA B 209 -36.21 -3.96 9.30
C ALA B 209 -37.51 -3.91 8.49
N ARG B 210 -37.66 -2.88 7.66
CA ARG B 210 -38.86 -2.73 6.85
C ARG B 210 -38.57 -3.09 5.40
N ILE B 211 -39.38 -3.99 4.85
CA ILE B 211 -39.26 -4.40 3.45
C ILE B 211 -39.37 -3.20 2.54
N THR B 212 -38.50 -3.17 1.52
CA THR B 212 -38.51 -2.12 0.51
C THR B 212 -38.47 -2.77 -0.85
N ASP B 213 -38.61 -1.97 -1.90
CA ASP B 213 -38.61 -2.55 -3.23
C ASP B 213 -37.26 -3.17 -3.55
N ASP B 214 -36.18 -2.58 -3.06
CA ASP B 214 -34.84 -3.06 -3.35
C ASP B 214 -34.33 -4.14 -2.41
N GLY B 215 -35.04 -4.36 -1.30
CA GLY B 215 -34.55 -5.26 -0.27
C GLY B 215 -35.19 -4.91 1.04
N PHE B 216 -34.43 -4.32 1.97
CA PHE B 216 -35.06 -3.74 3.15
C PHE B 216 -34.27 -2.55 3.68
N GLU B 217 -34.91 -1.79 4.54
CA GLU B 217 -34.26 -0.67 5.18
C GLU B 217 -34.31 -0.89 6.68
N LEU B 218 -33.19 -0.60 7.34
CA LEU B 218 -33.10 -0.71 8.78
C LEU B 218 -33.33 0.65 9.39
N ARG B 219 -34.32 0.74 10.27
CA ARG B 219 -34.62 1.95 11.00
C ARG B 219 -34.33 1.73 12.48
N SER B 220 -33.36 2.47 13.00
CA SER B 220 -32.82 2.24 14.34
C SER B 220 -33.05 3.47 15.20
N ARG B 221 -33.37 3.25 16.47
CA ARG B 221 -33.49 4.33 17.43
C ARG B 221 -32.73 3.95 18.70
N TYR B 222 -32.01 4.91 19.28
CA TYR B 222 -31.35 4.66 20.56
C TYR B 222 -31.66 5.82 21.49
N TRP B 223 -32.13 5.50 22.70
CA TRP B 223 -32.24 6.49 23.76
C TRP B 223 -31.08 6.23 24.73
N ILE B 224 -30.09 7.10 24.65
CA ILE B 224 -28.80 6.92 25.31
C ILE B 224 -28.82 7.46 26.72
N ALA B 225 -28.38 6.63 27.67
CA ALA B 225 -28.31 7.02 29.06
C ALA B 225 -29.68 7.47 29.54
N ASP B 226 -30.72 6.70 29.19
CA ASP B 226 -32.06 7.12 29.54
C ASP B 226 -32.43 6.69 30.96
N ARG B 227 -33.54 7.22 31.43
CA ARG B 227 -33.95 7.06 32.83
C ARG B 227 -34.55 5.67 33.07
N ALA B 228 -35.23 5.14 32.07
CA ALA B 228 -35.94 3.86 32.23
C ALA B 228 -36.21 3.13 30.93
N GLU B 229 -36.19 1.81 30.99
CA GLU B 229 -36.73 0.98 29.93
C GLU B 229 -38.20 1.37 29.72
N PRO B 230 -38.67 1.42 28.45
CA PRO B 230 -40.06 1.74 28.18
C PRO B 230 -41.01 0.88 28.99
N ARG B 231 -42.05 1.50 29.53
CA ARG B 231 -43.11 0.79 30.24
C ARG B 231 -42.58 0.17 31.54
N HIS B 232 -41.47 0.70 32.03
CA HIS B 232 -40.89 0.30 33.32
C HIS B 232 -40.50 1.50 34.15
N ASP B 233 -40.41 1.27 35.45
CA ASP B 233 -39.78 2.21 36.38
C ASP B 233 -38.28 2.20 36.13
N PRO B 234 -37.58 3.28 36.49
CA PRO B 234 -36.12 3.18 36.58
C PRO B 234 -35.74 2.07 37.56
N VAL B 235 -34.61 1.41 37.35
CA VAL B 235 -34.22 0.33 38.23
C VAL B 235 -33.73 0.94 39.56
N ALA B 236 -34.38 0.54 40.65
CA ALA B 236 -34.04 1.13 41.94
C ALA B 236 -32.63 0.69 42.35
N GLY B 237 -31.87 1.59 42.95
CA GLY B 237 -30.54 1.24 43.40
C GLY B 237 -29.44 1.35 42.35
N ILE B 238 -29.83 1.59 41.10
CA ILE B 238 -28.85 1.79 40.04
C ILE B 238 -28.94 3.22 39.51
N ALA B 239 -27.83 3.92 39.44
CA ALA B 239 -27.83 5.31 39.02
C ALA B 239 -28.06 5.43 37.51
N GLN B 240 -28.64 6.55 37.07
CA GLN B 240 -28.68 6.88 35.64
C GLN B 240 -27.25 7.12 35.16
N LEU B 241 -26.94 6.73 33.93
CA LEU B 241 -25.56 6.86 33.43
C LEU B 241 -25.13 8.34 33.37
N THR B 242 -26.11 9.23 33.28
CA THR B 242 -25.84 10.66 33.26
C THR B 242 -25.19 11.17 34.54
N THR B 243 -25.19 10.36 35.60
CA THR B 243 -24.54 10.75 36.86
C THR B 243 -23.04 10.52 36.86
N VAL B 244 -22.54 9.81 35.85
CA VAL B 244 -21.12 9.52 35.77
C VAL B 244 -20.32 10.75 35.38
N PRO B 245 -19.32 11.12 36.20
CA PRO B 245 -18.53 12.31 35.90
C PRO B 245 -17.89 12.22 34.52
N GLY B 246 -18.02 13.26 33.72
CA GLY B 246 -17.39 13.30 32.42
C GLY B 246 -18.20 12.61 31.33
N PHE B 247 -19.29 11.94 31.68
CA PHE B 247 -20.12 11.32 30.64
C PHE B 247 -21.02 12.36 29.98
N SER B 248 -21.00 12.37 28.65
CA SER B 248 -21.85 13.24 27.87
C SER B 248 -22.80 12.43 27.00
N GLY B 249 -24.09 12.52 27.26
CA GLY B 249 -25.07 11.80 26.47
C GLY B 249 -25.14 12.31 25.04
N GLU B 250 -24.92 13.60 24.88
CA GLU B 250 -24.87 14.21 23.56
C GLU B 250 -23.72 13.64 22.71
N ARG B 251 -22.52 13.65 23.29
CA ARG B 251 -21.37 13.10 22.59
C ARG B 251 -21.55 11.62 22.35
N GLN B 252 -22.10 10.91 23.34
CA GLN B 252 -22.25 9.46 23.16
C GLN B 252 -23.27 9.18 22.06
N ALA B 253 -24.30 10.00 21.93
CA ALA B 253 -25.28 9.84 20.85
C ALA B 253 -24.63 10.06 19.49
N TYR B 254 -23.70 11.00 19.43
CA TYR B 254 -22.99 11.23 18.20
C TYR B 254 -22.13 10.01 17.86
N GLU B 255 -21.44 9.47 18.86
CA GLU B 255 -20.64 8.27 18.61
C GLU B 255 -21.51 7.13 18.12
N GLN B 256 -22.69 6.99 18.71
CA GLN B 256 -23.58 5.90 18.33
C GLN B 256 -24.10 6.10 16.91
N LEU B 257 -24.36 7.35 16.53
CA LEU B 257 -24.76 7.64 15.14
C LEU B 257 -23.66 7.20 14.17
N VAL B 258 -22.44 7.68 14.39
CA VAL B 258 -21.29 7.29 13.56
C VAL B 258 -21.14 5.76 13.54
N HIS B 259 -21.23 5.13 14.72
CA HIS B 259 -21.06 3.69 14.88
C HIS B 259 -22.10 2.89 14.09
N ASP B 260 -23.38 3.26 14.25
CA ASP B 260 -24.49 2.59 13.58
C ASP B 260 -24.34 2.69 12.05
N GLN B 261 -24.16 3.91 11.57
CA GLN B 261 -24.02 4.13 10.15
C GLN B 261 -22.81 3.37 9.59
N THR B 262 -21.71 3.36 10.35
CA THR B 262 -20.52 2.66 9.88
C THR B 262 -20.74 1.16 9.75
N GLU B 263 -21.19 0.51 10.83
CA GLU B 263 -21.25 -0.94 10.85
C GLU B 263 -22.45 -1.51 10.10
N PHE B 264 -23.57 -0.83 10.13
CA PHE B 264 -24.72 -1.38 9.42
C PHE B 264 -24.60 -1.15 7.92
N ASN B 265 -23.99 -0.05 7.49
CA ASN B 265 -23.68 0.04 6.07
C ASN B 265 -22.65 -1.01 5.69
N HIS B 266 -21.74 -1.31 6.62
CA HIS B 266 -20.75 -2.33 6.33
C HIS B 266 -21.45 -3.68 6.18
N LEU B 267 -22.31 -4.01 7.13
CA LEU B 267 -23.06 -5.26 7.06
C LEU B 267 -23.84 -5.37 5.75
N ALA B 268 -24.41 -4.25 5.29
CA ALA B 268 -25.22 -4.27 4.07
C ALA B 268 -24.41 -4.69 2.84
N THR B 269 -23.09 -4.56 2.92
CA THR B 269 -22.25 -4.86 1.75
C THR B 269 -21.98 -6.36 1.62
N PHE B 270 -22.19 -7.14 2.68
CA PHE B 270 -21.95 -8.59 2.55
C PHE B 270 -23.04 -9.49 3.14
N LEU B 271 -24.10 -8.92 3.71
CA LEU B 271 -25.11 -9.74 4.35
C LEU B 271 -25.76 -10.76 3.38
N PRO B 272 -26.20 -10.30 2.18
CA PRO B 272 -26.79 -11.35 1.33
C PRO B 272 -25.82 -12.50 1.01
N ASP B 273 -24.56 -12.18 0.72
CA ASP B 273 -23.57 -13.22 0.41
C ASP B 273 -23.29 -14.17 1.59
N ILE B 274 -23.03 -13.62 2.78
CA ILE B 274 -22.65 -14.48 3.89
C ILE B 274 -23.86 -15.34 4.34
N TYR B 275 -25.07 -14.84 4.11
CA TYR B 275 -26.29 -15.58 4.38
C TYR B 275 -26.39 -16.75 3.42
N GLN B 276 -26.08 -16.50 2.15
CA GLN B 276 -26.07 -17.57 1.15
C GLN B 276 -25.06 -18.67 1.52
N GLU B 277 -23.86 -18.26 1.96
CA GLU B 277 -22.85 -19.25 2.31
C GLU B 277 -23.16 -19.97 3.60
N PHE B 278 -23.58 -19.24 4.65
CA PHE B 278 -23.66 -19.82 5.99
C PHE B 278 -25.06 -19.92 6.61
N GLY B 279 -26.07 -19.34 5.95
CA GLY B 279 -27.41 -19.39 6.49
C GLY B 279 -28.09 -20.70 6.16
N VAL C 1 22.20 -9.00 -0.79
CA VAL C 1 23.14 -7.89 -0.75
C VAL C 1 23.72 -7.76 0.66
N HIS C 2 25.02 -7.48 0.76
CA HIS C 2 25.72 -7.50 2.04
C HIS C 2 26.65 -6.30 2.17
N PRO C 3 26.54 -5.57 3.29
CA PRO C 3 27.39 -4.39 3.48
C PRO C 3 28.87 -4.73 3.63
N ILE C 4 29.71 -3.84 3.12
CA ILE C 4 31.15 -3.99 3.28
C ILE C 4 31.51 -4.06 4.76
N THR C 5 32.41 -4.97 5.12
CA THR C 5 32.80 -5.13 6.52
C THR C 5 34.22 -4.65 6.76
N TYR C 6 34.81 -3.97 5.77
CA TYR C 6 36.20 -3.57 5.88
C TYR C 6 36.47 -2.21 5.23
N TYR C 7 36.87 -1.24 6.05
CA TYR C 7 37.14 0.13 5.61
C TYR C 7 38.54 0.55 6.06
N PRO C 8 39.51 0.55 5.13
CA PRO C 8 40.87 0.97 5.51
C PRO C 8 40.84 2.30 6.26
N VAL C 9 41.75 2.50 7.19
CA VAL C 9 41.61 3.60 8.13
C VAL C 9 41.70 4.98 7.44
N ASP C 10 42.53 5.10 6.41
CA ASP C 10 42.60 6.36 5.66
C ASP C 10 41.27 6.68 5.01
N THR C 11 40.57 5.66 4.52
CA THR C 11 39.30 5.90 3.84
C THR C 11 38.21 6.27 4.82
N GLN C 12 38.42 5.93 6.09
CA GLN C 12 37.47 6.34 7.11
C GLN C 12 37.53 7.86 7.22
N ARG C 13 38.75 8.40 7.21
CA ARG C 13 38.90 9.86 7.20
C ARG C 13 38.40 10.46 5.90
N LEU C 14 38.62 9.78 4.77
CA LEU C 14 38.31 10.38 3.48
C LEU C 14 36.80 10.48 3.25
N VAL C 15 36.03 9.51 3.73
CA VAL C 15 34.60 9.55 3.48
C VAL C 15 34.00 10.74 4.23
N ARG C 16 34.65 11.15 5.32
CA ARG C 16 34.22 12.31 6.10
C ARG C 16 34.54 13.62 5.39
N SER C 17 35.78 13.77 4.97
CA SER C 17 36.18 15.00 4.28
C SER C 17 35.38 15.14 3.00
N ASN C 18 35.09 14.01 2.35
CA ASN C 18 34.25 14.01 1.16
C ASN C 18 32.84 14.50 1.51
N ALA C 19 32.35 14.03 2.65
CA ALA C 19 31.03 14.43 3.14
C ALA C 19 30.91 15.94 3.36
N GLU C 20 31.94 16.52 3.96
CA GLU C 20 31.98 17.97 4.20
C GLU C 20 32.08 18.76 2.89
N ARG C 21 33.01 18.34 2.03
CA ARG C 21 33.28 19.00 0.75
C ARG C 21 32.07 19.14 -0.16
N ILE C 22 31.17 18.17 -0.10
CA ILE C 22 30.10 18.08 -1.06
C ILE C 22 28.83 18.78 -0.60
N ARG C 23 28.80 19.20 0.66
CA ARG C 23 27.56 19.64 1.34
C ARG C 23 26.58 20.46 0.51
N HIS C 24 27.06 21.54 -0.08
CA HIS C 24 26.14 22.48 -0.72
C HIS C 24 26.26 22.43 -2.23
N LYS C 25 26.74 21.29 -2.72
CA LYS C 25 26.71 21.01 -4.15
C LYS C 25 25.29 20.63 -4.57
N PRO C 26 24.92 20.96 -5.81
CA PRO C 26 23.60 20.61 -6.35
C PRO C 26 23.29 19.13 -6.20
N TYR C 27 24.31 18.29 -6.42
CA TYR C 27 24.16 16.83 -6.44
C TYR C 27 24.52 16.20 -5.08
N ALA C 28 24.61 17.02 -4.04
CA ALA C 28 24.97 16.53 -2.70
C ALA C 28 24.03 15.42 -2.24
N HIS C 29 22.77 15.52 -2.62
CA HIS C 29 21.73 14.54 -2.32
C HIS C 29 22.13 13.11 -2.68
N TYR C 30 23.01 12.94 -3.66
CA TYR C 30 23.39 11.60 -4.11
C TYR C 30 24.56 11.01 -3.34
N PHE C 31 25.11 11.77 -2.39
CA PHE C 31 26.22 11.27 -1.57
C PHE C 31 25.67 10.39 -0.47
N ASN C 32 26.09 9.12 -0.47
CA ASN C 32 25.66 8.13 0.51
C ASN C 32 26.83 7.17 0.78
N PRO C 33 27.30 7.08 2.05
CA PRO C 33 28.48 6.28 2.39
C PRO C 33 28.21 4.78 2.40
N ASP C 34 26.92 4.42 2.38
CA ASP C 34 26.58 3.02 2.50
C ASP C 34 27.01 2.26 1.25
N VAL C 35 27.82 1.23 1.47
CA VAL C 35 28.31 0.42 0.36
C VAL C 35 28.09 -1.05 0.65
N ALA C 36 27.70 -1.80 -0.38
CA ALA C 36 27.38 -3.21 -0.23
C ALA C 36 27.80 -4.06 -1.43
N VAL C 37 27.72 -5.38 -1.29
CA VAL C 37 28.14 -6.29 -2.35
C VAL C 37 27.10 -7.39 -2.55
N PRO C 38 26.80 -7.73 -3.81
CA PRO C 38 25.77 -8.74 -4.04
C PRO C 38 26.20 -10.13 -3.60
N GLU C 39 25.24 -10.90 -3.11
CA GLU C 39 25.47 -12.25 -2.62
C GLU C 39 26.19 -13.11 -3.66
N GLU C 40 25.91 -12.85 -4.93
CA GLU C 40 26.37 -13.72 -5.99
C GLU C 40 27.87 -13.70 -6.19
N VAL C 41 28.54 -12.59 -5.85
CA VAL C 41 29.99 -12.51 -6.01
C VAL C 41 30.78 -12.95 -4.77
N PHE C 42 30.08 -13.46 -3.75
CA PHE C 42 30.79 -13.77 -2.52
C PHE C 42 31.76 -14.92 -2.69
N ALA C 43 31.46 -15.85 -3.58
CA ALA C 43 32.42 -16.91 -3.87
C ALA C 43 33.72 -16.32 -4.45
N ALA C 44 33.58 -15.32 -5.33
CA ALA C 44 34.73 -14.62 -5.95
C ALA C 44 35.61 -13.87 -4.96
N LEU C 45 35.05 -13.57 -3.80
CA LEU C 45 35.79 -12.84 -2.77
C LEU C 45 36.64 -13.78 -1.92
N LYS C 46 36.41 -15.09 -2.04
CA LYS C 46 37.04 -16.06 -1.15
C LYS C 46 38.06 -16.99 -1.79
N ALA C 47 38.19 -16.96 -3.12
CA ALA C 47 39.14 -17.82 -3.82
C ALA C 47 39.43 -17.25 -5.18
N PRO C 48 40.67 -17.42 -5.66
CA PRO C 48 41.03 -16.88 -6.98
C PRO C 48 40.47 -17.71 -8.13
N LEU C 49 40.32 -17.06 -9.29
CA LEU C 49 40.04 -17.74 -10.53
C LEU C 49 41.15 -18.74 -10.87
N GLU C 50 40.80 -19.78 -11.63
CA GLU C 50 41.79 -20.68 -12.22
C GLU C 50 42.37 -20.05 -13.49
N PRO C 51 43.60 -20.45 -13.88
CA PRO C 51 44.22 -19.91 -15.10
C PRO C 51 43.37 -20.03 -16.35
N GLU C 52 42.59 -21.12 -16.44
CA GLU C 52 41.75 -21.37 -17.60
C GLU C 52 40.63 -20.34 -17.71
N GLN C 53 40.34 -19.65 -16.61
CA GLN C 53 39.24 -18.69 -16.59
C GLN C 53 39.68 -17.26 -16.87
N VAL C 54 40.95 -17.06 -17.19
CA VAL C 54 41.48 -15.74 -17.45
C VAL C 54 41.36 -15.39 -18.93
N LEU C 55 40.79 -14.23 -19.24
CA LEU C 55 40.78 -13.75 -20.62
C LEU C 55 42.11 -13.13 -21.00
N GLY C 56 42.60 -13.42 -22.20
CA GLY C 56 43.80 -12.74 -22.72
C GLY C 56 43.48 -11.40 -23.37
N THR C 57 44.48 -10.77 -23.97
CA THR C 57 44.30 -9.43 -24.51
C THR C 57 44.44 -9.31 -26.04
N SER C 58 44.61 -10.44 -26.73
CA SER C 58 44.60 -10.43 -28.20
C SER C 58 43.25 -9.97 -28.74
N SER C 59 43.18 -9.66 -30.03
CA SER C 59 41.90 -9.25 -30.63
C SER C 59 40.82 -10.33 -30.54
N THR C 60 41.20 -11.59 -30.76
CA THR C 60 40.22 -12.67 -30.69
C THR C 60 39.72 -12.86 -29.27
N GLU C 61 40.61 -12.70 -28.29
CA GLU C 61 40.21 -12.84 -26.88
C GLU C 61 39.29 -11.73 -26.45
N LEU C 62 39.70 -10.48 -26.66
CA LEU C 62 38.83 -9.35 -26.36
C LEU C 62 37.46 -9.48 -27.02
N ASN C 63 37.42 -9.96 -28.26
CA ASN C 63 36.14 -10.04 -28.96
C ASN C 63 35.27 -11.18 -28.46
N ARG C 64 35.82 -12.06 -27.63
CA ARG C 64 34.96 -13.06 -26.99
C ARG C 64 33.94 -12.39 -26.07
N LEU C 65 34.25 -11.17 -25.63
CA LEU C 65 33.33 -10.40 -24.79
C LEU C 65 32.09 -9.96 -25.58
N LEU C 66 32.13 -10.12 -26.89
CA LEU C 66 30.98 -9.78 -27.73
C LEU C 66 30.06 -10.98 -27.87
N GLU C 67 30.55 -12.16 -27.53
CA GLU C 67 29.76 -13.37 -27.63
C GLU C 67 28.54 -13.26 -26.72
N PRO C 68 27.40 -13.77 -27.19
CA PRO C 68 26.20 -13.81 -26.35
C PRO C 68 26.43 -14.66 -25.12
N GLY C 69 25.70 -14.39 -24.04
CA GLY C 69 25.85 -15.19 -22.85
C GLY C 69 27.11 -14.80 -22.12
N TYR C 70 27.66 -15.73 -21.35
CA TYR C 70 28.78 -15.40 -20.47
C TYR C 70 29.99 -16.31 -20.69
N LEU C 71 31.15 -15.82 -20.28
CA LEU C 71 32.39 -16.58 -20.37
C LEU C 71 32.69 -17.17 -19.00
N GLU C 72 33.65 -18.07 -18.95
CA GLU C 72 34.15 -18.56 -17.67
C GLU C 72 34.74 -17.40 -16.85
N GLY C 73 34.37 -17.33 -15.58
CA GLY C 73 34.94 -16.35 -14.67
C GLY C 73 34.56 -14.90 -14.95
N GLU C 74 33.26 -14.62 -15.08
CA GLU C 74 32.80 -13.25 -15.28
C GLU C 74 33.16 -12.37 -14.09
N THR C 75 33.23 -12.94 -12.90
CA THR C 75 33.66 -12.17 -11.74
C THR C 75 34.70 -12.96 -10.95
N GLY C 76 35.83 -12.31 -10.68
CA GLY C 76 36.89 -12.94 -9.91
C GLY C 76 38.19 -12.19 -10.03
N TYR C 77 39.24 -12.73 -9.43
CA TYR C 77 40.58 -12.16 -9.49
C TYR C 77 41.59 -13.32 -9.49
N CYS C 78 42.81 -13.05 -9.94
CA CYS C 78 43.94 -13.94 -9.69
C CYS C 78 45.26 -13.25 -9.99
N GLY C 79 46.34 -13.90 -9.56
CA GLY C 79 47.67 -13.52 -9.97
C GLY C 79 47.98 -14.17 -11.30
N LEU C 80 48.90 -13.55 -12.05
CA LEU C 80 49.31 -14.07 -13.35
C LEU C 80 50.80 -14.42 -13.24
N PRO C 81 51.32 -15.20 -14.21
CA PRO C 81 52.70 -15.72 -14.14
C PRO C 81 53.78 -14.67 -13.92
N ASP C 82 53.74 -13.58 -14.66
CA ASP C 82 54.84 -12.62 -14.61
C ASP C 82 54.73 -11.69 -13.38
N GLY C 83 53.87 -12.07 -12.42
CA GLY C 83 53.69 -11.27 -11.23
C GLY C 83 52.58 -10.24 -11.38
N ALA C 84 51.97 -10.23 -12.55
CA ALA C 84 50.84 -9.35 -12.80
C ALA C 84 49.56 -9.89 -12.15
N GLY C 85 48.47 -9.16 -12.30
CA GLY C 85 47.20 -9.58 -11.72
C GLY C 85 46.08 -9.47 -12.74
N TYR C 86 44.92 -10.02 -12.40
CA TYR C 86 43.78 -10.05 -13.29
C TYR C 86 42.53 -9.91 -12.47
N THR C 87 41.66 -9.02 -12.92
CA THR C 87 40.36 -8.82 -12.30
C THR C 87 39.27 -8.87 -13.35
N SER C 88 38.23 -9.67 -13.11
CA SER C 88 37.03 -9.61 -13.91
C SER C 88 35.89 -9.22 -12.98
N SER C 89 34.94 -8.43 -13.47
CA SER C 89 33.85 -8.02 -12.59
C SER C 89 32.58 -7.72 -13.37
N LEU C 90 31.53 -8.45 -13.05
CA LEU C 90 30.19 -8.19 -13.57
C LEU C 90 29.38 -7.42 -12.53
N VAL C 91 28.84 -6.27 -12.91
CA VAL C 91 27.97 -5.49 -12.03
C VAL C 91 26.69 -5.10 -12.77
N ARG C 92 25.54 -5.40 -12.17
CA ARG C 92 24.28 -5.10 -12.85
C ARG C 92 23.83 -3.68 -12.59
N PHE C 93 23.32 -3.06 -13.64
CA PHE C 93 22.72 -1.73 -13.54
C PHE C 93 21.27 -1.81 -14.00
N PRO C 94 20.39 -2.35 -13.13
CA PRO C 94 18.97 -2.39 -13.47
C PRO C 94 18.38 -0.99 -13.49
N GLY C 95 17.50 -0.72 -14.46
CA GLY C 95 16.88 0.58 -14.59
C GLY C 95 17.71 1.58 -15.35
N ALA C 96 18.93 1.18 -15.75
CA ALA C 96 19.83 2.09 -16.42
C ALA C 96 20.03 1.72 -17.89
N THR C 97 20.60 2.65 -18.65
CA THR C 97 20.95 2.39 -20.04
C THR C 97 22.42 2.71 -20.27
N PRO C 98 23.02 2.07 -21.28
CA PRO C 98 24.41 2.39 -21.63
C PRO C 98 24.69 3.89 -21.84
N GLU C 99 23.76 4.63 -22.43
CA GLU C 99 23.94 6.07 -22.62
C GLU C 99 24.21 6.78 -21.30
N MET C 100 23.57 6.32 -20.23
CA MET C 100 23.79 6.90 -18.92
C MET C 100 25.24 6.71 -18.48
N PHE C 101 25.79 5.54 -18.82
CA PHE C 101 27.16 5.19 -18.47
C PHE C 101 28.13 6.06 -19.24
N ARG C 102 27.85 6.26 -20.52
CA ARG C 102 28.63 7.16 -21.36
C ARG C 102 28.65 8.55 -20.72
N TRP C 103 27.47 9.05 -20.38
CA TRP C 103 27.34 10.36 -19.75
C TRP C 103 28.14 10.44 -18.47
N TRP C 104 28.07 9.40 -17.66
CA TRP C 104 28.77 9.41 -16.40
C TRP C 104 30.28 9.53 -16.57
N PHE C 105 30.84 8.84 -17.56
CA PHE C 105 32.28 8.74 -17.60
C PHE C 105 32.96 10.04 -18.01
N TRP C 106 32.20 10.98 -18.55
CA TRP C 106 32.78 12.30 -18.75
C TRP C 106 32.28 13.26 -17.68
N TRP C 107 31.00 13.17 -17.31
CA TRP C 107 30.42 14.10 -16.33
C TRP C 107 31.18 14.12 -15.01
N HIS C 108 31.47 12.94 -14.47
CA HIS C 108 32.10 12.83 -13.16
C HIS C 108 33.47 13.51 -13.10
N SER C 109 34.10 13.65 -14.27
CA SER C 109 35.53 13.94 -14.31
C SER C 109 35.91 15.40 -14.14
N PHE C 110 34.93 16.29 -14.13
CA PHE C 110 35.22 17.72 -14.12
C PHE C 110 35.11 18.37 -12.72
N GLU C 111 34.59 17.62 -11.76
CA GLU C 111 34.56 18.09 -10.37
C GLU C 111 34.91 16.95 -9.42
N PRO C 112 35.88 17.17 -8.52
CA PRO C 112 36.27 16.12 -7.58
C PRO C 112 35.08 15.64 -6.75
N GLU C 113 34.16 16.55 -6.45
CA GLU C 113 32.98 16.21 -5.67
C GLU C 113 32.08 15.21 -6.43
N ARG C 114 32.02 15.34 -7.75
CA ARG C 114 31.24 14.42 -8.58
C ARG C 114 31.82 13.02 -8.57
N TYR C 115 33.15 12.96 -8.62
CA TYR C 115 33.91 11.73 -8.54
C TYR C 115 33.71 11.07 -7.17
N SER C 116 33.60 11.91 -6.14
CA SER C 116 33.32 11.49 -4.76
C SER C 116 32.06 10.64 -4.59
N LEU C 117 31.01 10.92 -5.38
CA LEU C 117 29.76 10.19 -5.29
C LEU C 117 29.95 8.72 -5.60
N TRP C 118 30.76 8.48 -6.63
CA TRP C 118 31.03 7.17 -7.20
C TRP C 118 31.57 6.19 -6.16
N HIS C 119 32.65 6.61 -5.50
CA HIS C 119 33.15 5.88 -4.34
C HIS C 119 33.48 6.84 -3.21
N PRO C 120 32.51 7.06 -2.32
CA PRO C 120 32.63 7.99 -1.18
C PRO C 120 33.86 7.75 -0.32
N TRP C 121 34.31 6.50 -0.20
CA TRP C 121 35.42 6.19 0.70
C TRP C 121 36.79 6.30 0.06
N CYS C 122 36.89 6.09 -1.25
CA CYS C 122 38.21 5.92 -1.86
C CYS C 122 38.59 7.02 -2.83
N HIS C 123 37.60 7.72 -3.37
CA HIS C 123 37.83 8.76 -4.38
C HIS C 123 38.18 10.13 -3.79
N ALA C 124 39.44 10.57 -3.96
CA ALA C 124 39.92 11.79 -3.32
C ALA C 124 40.00 13.00 -4.27
N ASP C 125 40.55 12.82 -5.47
CA ASP C 125 40.68 13.94 -6.41
C ASP C 125 40.69 13.49 -7.86
N ILE C 126 40.36 14.43 -8.75
CA ILE C 126 40.39 14.22 -10.19
C ILE C 126 40.44 15.58 -10.89
N TRP C 127 41.23 15.66 -11.95
CA TRP C 127 41.20 16.84 -12.81
C TRP C 127 41.68 16.48 -14.21
N ARG C 128 41.33 17.34 -15.16
CA ARG C 128 41.75 17.21 -16.55
C ARG C 128 42.31 18.54 -17.04
N THR C 129 43.00 18.53 -18.17
CA THR C 129 43.52 19.76 -18.75
C THR C 129 42.59 20.31 -19.82
N SER C 148 41.05 11.71 -23.81
CA SER C 148 41.17 12.48 -22.56
C SER C 148 42.00 11.76 -21.49
N THR C 149 42.60 12.53 -20.59
CA THR C 149 43.42 11.98 -19.51
C THR C 149 42.98 12.48 -18.14
N HIS C 150 42.68 11.53 -17.26
CA HIS C 150 42.12 11.84 -15.95
C HIS C 150 43.19 11.63 -14.89
N HIS C 151 43.55 12.72 -14.19
CA HIS C 151 44.60 12.68 -13.19
C HIS C 151 43.98 12.47 -11.82
N ILE C 152 44.13 11.27 -11.28
CA ILE C 152 43.32 10.84 -10.13
C ILE C 152 44.14 10.60 -8.88
N ASN C 153 43.58 11.00 -7.73
CA ASN C 153 44.03 10.51 -6.45
C ASN C 153 42.93 9.68 -5.80
N GLU C 154 43.22 8.42 -5.51
CA GLU C 154 42.24 7.54 -4.89
C GLU C 154 42.90 6.37 -4.20
N TYR C 155 42.14 5.72 -3.32
CA TYR C 155 42.56 4.49 -2.67
C TYR C 155 42.08 3.28 -3.45
N ILE C 156 42.99 2.37 -3.73
CA ILE C 156 42.62 1.08 -4.28
C ILE C 156 43.33 0.08 -3.40
N GLY C 157 42.97 0.12 -2.14
CA GLY C 157 43.76 -0.53 -1.11
C GLY C 157 43.95 0.38 0.08
N GLN C 158 45.12 0.29 0.70
CA GLN C 158 45.41 0.95 1.97
C GLN C 158 45.94 2.38 1.79
N ASP C 159 46.56 2.65 0.64
CA ASP C 159 47.33 3.87 0.46
C ASP C 159 46.81 4.71 -0.70
N PRO C 160 46.98 6.04 -0.61
CA PRO C 160 46.51 6.92 -1.68
C PRO C 160 47.39 6.79 -2.91
N LEU C 161 46.77 6.62 -4.08
CA LEU C 161 47.50 6.46 -5.33
C LEU C 161 47.30 7.65 -6.24
N ASP C 162 48.39 8.18 -6.79
CA ASP C 162 48.29 9.20 -7.83
C ASP C 162 48.43 8.53 -9.18
N ILE C 163 47.34 8.52 -9.95
CA ILE C 163 47.33 7.74 -11.19
C ILE C 163 46.84 8.57 -12.35
N GLU C 164 47.12 8.09 -13.55
CA GLU C 164 46.72 8.80 -14.76
C GLU C 164 45.99 7.83 -15.68
N ILE C 165 44.69 8.06 -15.85
CA ILE C 165 43.87 7.24 -16.72
C ILE C 165 43.60 7.92 -18.05
N THR C 166 43.99 7.28 -19.15
CA THR C 166 43.76 7.84 -20.49
C THR C 166 42.90 6.87 -21.31
N PHE C 167 41.75 7.34 -21.76
CA PHE C 167 40.83 6.47 -22.48
C PHE C 167 41.12 6.46 -23.98
N ILE C 168 40.92 5.30 -24.61
CA ILE C 168 41.17 5.18 -26.05
C ILE C 168 40.00 4.60 -26.82
N ASP C 169 40.06 4.66 -28.14
CA ASP C 169 39.06 4.00 -28.99
C ASP C 169 39.32 2.50 -28.97
N PRO C 170 38.32 1.71 -28.56
CA PRO C 170 38.43 0.24 -28.45
C PRO C 170 39.09 -0.43 -29.66
N ALA C 171 38.86 0.09 -30.87
CA ALA C 171 39.35 -0.55 -32.09
C ALA C 171 40.87 -0.56 -32.11
N ARG C 172 41.46 0.40 -31.42
CA ARG C 172 42.91 0.50 -31.36
C ARG C 172 43.51 -0.69 -30.64
N TRP C 173 42.72 -1.36 -29.80
CA TRP C 173 43.15 -2.61 -29.18
C TRP C 173 42.66 -3.84 -29.95
N GLY C 174 41.90 -3.62 -31.02
CA GLY C 174 41.48 -4.71 -31.88
C GLY C 174 40.08 -5.25 -31.64
N PHE C 175 39.32 -4.60 -30.77
CA PHE C 175 37.90 -4.89 -30.64
C PHE C 175 37.14 -4.78 -31.96
N ASP C 176 36.19 -5.66 -32.19
CA ASP C 176 35.32 -5.60 -33.38
C ASP C 176 34.27 -4.51 -33.18
N ALA C 177 34.70 -3.26 -33.29
CA ALA C 177 33.85 -2.10 -33.05
C ALA C 177 32.54 -2.18 -33.85
N ASP C 178 32.62 -2.68 -35.08
CA ASP C 178 31.43 -2.80 -35.93
C ASP C 178 30.49 -3.90 -35.44
N GLY C 179 30.95 -4.69 -34.48
CA GLY C 179 30.15 -5.77 -33.94
C GLY C 179 29.53 -5.43 -32.59
N PHE C 180 29.88 -4.26 -32.03
CA PHE C 180 29.39 -3.84 -30.71
C PHE C 180 27.86 -3.73 -30.66
N ALA C 181 27.27 -3.09 -31.68
CA ALA C 181 25.84 -2.85 -31.66
C ALA C 181 25.09 -4.17 -31.66
N ALA C 182 25.51 -5.08 -32.54
CA ALA C 182 24.89 -6.39 -32.66
C ALA C 182 25.11 -7.23 -31.41
N ALA C 183 26.11 -6.86 -30.61
CA ALA C 183 26.44 -7.64 -29.41
C ALA C 183 25.82 -7.02 -28.15
N GLY C 184 25.13 -5.89 -28.31
CA GLY C 184 24.41 -5.29 -27.21
C GLY C 184 25.26 -4.35 -26.40
N ILE C 185 26.47 -4.10 -26.88
CA ILE C 185 27.44 -3.28 -26.17
C ILE C 185 27.19 -1.81 -26.47
N GLY C 186 26.52 -1.12 -25.55
CA GLY C 186 26.06 0.23 -25.80
C GLY C 186 27.02 1.28 -25.29
N ALA C 187 27.97 0.85 -24.48
CA ALA C 187 28.98 1.76 -23.97
C ALA C 187 30.27 0.99 -23.78
N HIS C 188 31.37 1.74 -23.75
CA HIS C 188 32.64 1.15 -23.43
C HIS C 188 33.48 2.23 -22.78
N ALA C 189 34.47 1.82 -22.00
CA ALA C 189 35.41 2.75 -21.41
C ALA C 189 36.73 2.02 -21.20
N CYS C 190 37.58 2.09 -22.20
CA CYS C 190 38.83 1.34 -22.20
C CYS C 190 40.01 2.27 -22.13
N GLY C 191 40.93 1.97 -21.23
CA GLY C 191 42.02 2.90 -20.98
C GLY C 191 43.21 2.26 -20.33
N SER C 192 44.29 3.03 -20.30
CA SER C 192 45.50 2.65 -19.61
C SER C 192 45.55 3.43 -18.31
N VAL C 193 45.88 2.74 -17.22
CA VAL C 193 46.05 3.37 -15.93
C VAL C 193 47.54 3.38 -15.59
N LEU C 194 48.12 4.57 -15.49
CA LEU C 194 49.54 4.75 -15.22
C LEU C 194 49.79 5.47 -13.90
N MET C 195 50.90 5.16 -13.24
CA MET C 195 51.27 5.89 -12.03
C MET C 195 51.80 7.27 -12.38
N LYS C 196 51.43 8.26 -11.58
CA LYS C 196 51.97 9.60 -11.74
C LYS C 196 53.48 9.55 -11.51
N GLY C 197 54.24 10.24 -12.35
CA GLY C 197 55.67 10.37 -12.14
C GLY C 197 56.52 9.26 -12.73
N SER C 198 56.32 8.04 -12.27
CA SER C 198 57.13 6.92 -12.74
C SER C 198 56.63 6.40 -14.09
N HIS C 199 55.35 6.66 -14.39
CA HIS C 199 54.70 6.19 -15.61
C HIS C 199 54.53 4.68 -15.64
N MET C 200 54.77 4.02 -14.51
CA MET C 200 54.60 2.58 -14.44
C MET C 200 53.14 2.19 -14.68
N ARG C 201 52.93 1.05 -15.33
CA ARG C 201 51.60 0.64 -15.75
C ARG C 201 50.87 -0.10 -14.63
N LEU C 202 49.73 0.44 -14.20
CA LEU C 202 48.95 -0.19 -13.13
C LEU C 202 47.88 -1.10 -13.69
N ALA C 203 47.27 -0.66 -14.78
CA ALA C 203 46.22 -1.48 -15.40
C ALA C 203 45.99 -1.20 -16.87
N THR C 204 45.69 -2.27 -17.60
CA THR C 204 44.91 -2.21 -18.82
C THR C 204 43.47 -2.46 -18.40
N MET C 205 42.59 -1.56 -18.78
CA MET C 205 41.24 -1.59 -18.24
C MET C 205 40.20 -1.56 -19.32
N VAL C 206 39.20 -2.43 -19.17
CA VAL C 206 38.07 -2.47 -20.07
C VAL C 206 36.77 -2.43 -19.28
N HIS C 207 35.88 -1.50 -19.63
CA HIS C 207 34.51 -1.55 -19.12
C HIS C 207 33.54 -1.68 -20.27
N LEU C 208 32.78 -2.78 -20.35
CA LEU C 208 31.78 -2.92 -21.40
C LEU C 208 30.39 -2.93 -20.81
N ALA C 209 29.55 -2.02 -21.30
CA ALA C 209 28.17 -1.94 -20.84
C ALA C 209 27.28 -2.65 -21.84
N ARG C 210 26.72 -3.79 -21.44
CA ARG C 210 25.92 -4.60 -22.33
C ARG C 210 24.44 -4.51 -21.98
N ILE C 211 23.62 -4.20 -22.98
CA ILE C 211 22.17 -4.11 -22.81
C ILE C 211 21.57 -5.41 -22.26
N THR C 212 20.76 -5.29 -21.22
CA THR C 212 19.99 -6.40 -20.67
C THR C 212 18.52 -6.04 -20.53
N ASP C 213 17.69 -7.06 -20.27
CA ASP C 213 16.26 -6.87 -20.08
C ASP C 213 15.92 -5.76 -19.09
N ASP C 214 16.65 -5.72 -17.98
CA ASP C 214 16.30 -4.84 -16.88
C ASP C 214 17.08 -3.52 -16.88
N GLY C 215 17.99 -3.38 -17.84
CA GLY C 215 18.83 -2.18 -17.94
C GLY C 215 20.11 -2.46 -18.72
N PHE C 216 21.24 -2.49 -18.02
CA PHE C 216 22.46 -3.02 -18.64
C PHE C 216 23.35 -3.65 -17.59
N GLU C 217 24.34 -4.41 -18.05
CA GLU C 217 25.31 -5.03 -17.16
C GLU C 217 26.71 -4.57 -17.54
N LEU C 218 27.53 -4.30 -16.54
CA LEU C 218 28.88 -3.82 -16.78
C LEU C 218 29.85 -4.97 -16.62
N ARG C 219 30.54 -5.32 -17.69
CA ARG C 219 31.56 -6.36 -17.64
C ARG C 219 32.91 -5.71 -17.74
N SER C 220 33.70 -5.87 -16.69
CA SER C 220 34.95 -5.18 -16.58
C SER C 220 36.06 -6.21 -16.57
N ARG C 221 37.16 -5.85 -17.22
CA ARG C 221 38.38 -6.64 -17.18
C ARG C 221 39.51 -5.69 -16.83
N TYR C 222 40.38 -6.12 -15.93
CA TYR C 222 41.61 -5.39 -15.65
C TYR C 222 42.76 -6.35 -15.77
N TRP C 223 43.78 -5.95 -16.51
CA TRP C 223 45.04 -6.64 -16.46
C TRP C 223 45.98 -5.74 -15.67
N ILE C 224 46.27 -6.17 -14.45
CA ILE C 224 46.94 -5.35 -13.44
C ILE C 224 48.45 -5.47 -13.54
N ALA C 225 49.15 -4.34 -13.55
CA ALA C 225 50.61 -4.33 -13.62
C ALA C 225 51.12 -5.17 -14.78
N ASP C 226 50.46 -5.03 -15.93
CA ASP C 226 50.80 -5.86 -17.07
C ASP C 226 51.99 -5.27 -17.82
N ARG C 227 52.54 -6.07 -18.74
CA ARG C 227 53.77 -5.74 -19.43
C ARG C 227 53.58 -4.69 -20.52
N ALA C 228 52.41 -4.68 -21.14
CA ALA C 228 52.18 -3.78 -22.27
C ALA C 228 50.71 -3.50 -22.54
N GLU C 229 50.45 -2.32 -23.07
CA GLU C 229 49.15 -2.02 -23.63
C GLU C 229 48.89 -3.02 -24.75
N PRO C 230 47.62 -3.46 -24.93
CA PRO C 230 47.29 -4.29 -26.10
C PRO C 230 47.72 -3.65 -27.41
N ARG C 231 48.27 -4.45 -28.32
CA ARG C 231 48.71 -3.99 -29.64
C ARG C 231 49.82 -2.93 -29.51
N HIS C 232 50.55 -2.96 -28.40
CA HIS C 232 51.73 -2.11 -28.18
C HIS C 232 52.88 -2.90 -27.59
N ASP C 233 54.10 -2.41 -27.84
CA ASP C 233 55.27 -2.90 -27.15
C ASP C 233 55.24 -2.37 -25.72
N PRO C 234 56.03 -2.96 -24.82
CA PRO C 234 56.19 -2.24 -23.54
C PRO C 234 56.87 -0.90 -23.80
N VAL C 235 56.66 0.08 -22.93
CA VAL C 235 57.31 1.36 -23.09
C VAL C 235 58.77 1.28 -22.68
N ALA C 236 59.64 1.70 -23.57
CA ALA C 236 61.08 1.63 -23.30
C ALA C 236 61.46 2.46 -22.06
N GLY C 237 62.37 1.92 -21.26
CA GLY C 237 62.93 2.65 -20.14
C GLY C 237 62.05 2.77 -18.91
N ILE C 238 60.84 2.23 -18.98
CA ILE C 238 59.94 2.18 -17.82
C ILE C 238 59.76 0.73 -17.41
N ALA C 239 60.05 0.43 -16.15
CA ALA C 239 59.98 -0.94 -15.66
C ALA C 239 58.53 -1.36 -15.46
N GLN C 240 58.28 -2.65 -15.55
CA GLN C 240 56.97 -3.19 -15.20
C GLN C 240 56.76 -2.97 -13.71
N LEU C 241 55.53 -2.64 -13.31
CA LEU C 241 55.23 -2.39 -11.90
C LEU C 241 55.55 -3.59 -11.01
N THR C 242 55.57 -4.78 -11.62
CA THR C 242 55.98 -6.00 -10.93
C THR C 242 57.43 -5.97 -10.39
N THR C 243 58.18 -4.92 -10.73
CA THR C 243 59.56 -4.81 -10.29
C THR C 243 59.68 -4.02 -9.00
N VAL C 244 58.61 -3.33 -8.61
CA VAL C 244 58.59 -2.57 -7.37
C VAL C 244 58.63 -3.54 -6.19
N PRO C 245 59.60 -3.36 -5.28
CA PRO C 245 59.92 -4.32 -4.21
C PRO C 245 58.71 -4.90 -3.48
N GLY C 246 57.86 -4.05 -2.92
CA GLY C 246 56.77 -4.55 -2.11
C GLY C 246 55.46 -4.82 -2.83
N PHE C 247 55.48 -4.76 -4.16
CA PHE C 247 54.25 -4.81 -4.92
C PHE C 247 53.80 -6.23 -5.27
N SER C 248 52.50 -6.50 -5.15
CA SER C 248 51.93 -7.79 -5.51
C SER C 248 50.75 -7.61 -6.46
N GLY C 249 50.89 -8.09 -7.69
CA GLY C 249 49.82 -8.00 -8.65
C GLY C 249 48.60 -8.78 -8.19
N GLU C 250 48.84 -9.91 -7.52
CA GLU C 250 47.75 -10.72 -6.99
C GLU C 250 46.92 -9.91 -5.99
N ARG C 251 47.58 -9.27 -5.03
CA ARG C 251 46.85 -8.48 -4.06
C ARG C 251 46.13 -7.32 -4.69
N GLN C 252 46.81 -6.67 -5.63
CA GLN C 252 46.21 -5.50 -6.26
C GLN C 252 44.96 -5.90 -7.04
N ALA C 253 44.98 -7.08 -7.64
CA ALA C 253 43.81 -7.56 -8.39
C ALA C 253 42.64 -7.82 -7.45
N TYR C 254 42.94 -8.32 -6.25
CA TYR C 254 41.90 -8.50 -5.27
C TYR C 254 41.36 -7.15 -4.80
N GLU C 255 42.26 -6.19 -4.55
CA GLU C 255 41.80 -4.85 -4.17
C GLU C 255 40.93 -4.26 -5.28
N GLN C 256 41.35 -4.47 -6.53
CA GLN C 256 40.57 -3.97 -7.66
C GLN C 256 39.21 -4.64 -7.81
N LEU C 257 39.14 -5.95 -7.55
CA LEU C 257 37.84 -6.63 -7.55
C LEU C 257 36.87 -6.04 -6.51
N VAL C 258 37.35 -5.89 -5.29
CA VAL C 258 36.56 -5.31 -4.22
C VAL C 258 36.18 -3.87 -4.58
N HIS C 259 37.16 -3.11 -5.04
CA HIS C 259 36.96 -1.73 -5.46
C HIS C 259 35.91 -1.64 -6.58
N ASP C 260 36.06 -2.46 -7.61
CA ASP C 260 35.13 -2.47 -8.74
C ASP C 260 33.73 -2.85 -8.28
N GLN C 261 33.61 -3.97 -7.54
CA GLN C 261 32.30 -4.39 -7.04
C GLN C 261 31.70 -3.33 -6.10
N THR C 262 32.54 -2.68 -5.29
CA THR C 262 32.00 -1.69 -4.35
C THR C 262 31.54 -0.42 -5.09
N GLU C 263 32.40 0.18 -5.90
CA GLU C 263 32.05 1.47 -6.49
C GLU C 263 31.04 1.34 -7.63
N PHE C 264 31.08 0.26 -8.39
CA PHE C 264 30.13 0.15 -9.49
C PHE C 264 28.75 -0.31 -9.01
N ASN C 265 28.69 -1.17 -7.99
CA ASN C 265 27.38 -1.46 -7.41
C ASN C 265 26.79 -0.23 -6.75
N HIS C 266 27.66 0.68 -6.30
CA HIS C 266 27.20 1.89 -5.64
C HIS C 266 26.65 2.89 -6.66
N LEU C 267 27.38 3.07 -7.76
CA LEU C 267 26.91 3.94 -8.84
C LEU C 267 25.56 3.45 -9.37
N ALA C 268 25.39 2.15 -9.41
CA ALA C 268 24.14 1.55 -9.87
C ALA C 268 22.93 2.02 -9.07
N THR C 269 23.13 2.30 -7.78
CA THR C 269 22.00 2.71 -6.93
C THR C 269 21.47 4.12 -7.22
N PHE C 270 22.22 4.95 -7.96
CA PHE C 270 21.74 6.30 -8.23
C PHE C 270 22.00 6.85 -9.64
N LEU C 271 22.54 6.03 -10.53
CA LEU C 271 22.86 6.54 -11.87
C LEU C 271 21.61 7.02 -12.66
N PRO C 272 20.54 6.19 -12.74
CA PRO C 272 19.36 6.67 -13.48
C PRO C 272 18.82 8.01 -12.94
N ASP C 273 18.66 8.09 -11.62
CA ASP C 273 18.24 9.31 -10.94
C ASP C 273 19.10 10.52 -11.29
N ILE C 274 20.42 10.37 -11.15
CA ILE C 274 21.32 11.52 -11.30
C ILE C 274 21.47 11.91 -12.77
N TYR C 275 21.29 10.94 -13.66
CA TYR C 275 21.29 11.19 -15.09
C TYR C 275 20.05 12.01 -15.50
N GLN C 276 18.91 11.70 -14.89
CA GLN C 276 17.70 12.50 -15.05
C GLN C 276 17.92 13.95 -14.63
N GLU C 277 18.60 14.11 -13.50
CA GLU C 277 18.80 15.42 -12.90
C GLU C 277 20.07 16.12 -13.40
N HIS D 2 -23.56 -22.30 -30.65
CA HIS D 2 -23.10 -22.04 -32.02
C HIS D 2 -21.79 -22.73 -32.35
N PRO D 3 -21.77 -23.47 -33.46
CA PRO D 3 -20.56 -24.21 -33.85
C PRO D 3 -19.42 -23.27 -34.23
N ILE D 4 -18.21 -23.66 -33.80
CA ILE D 4 -16.97 -22.97 -34.15
C ILE D 4 -16.86 -22.81 -35.67
N THR D 5 -16.44 -21.63 -36.11
CA THR D 5 -16.37 -21.32 -37.54
C THR D 5 -14.95 -21.12 -38.04
N TYR D 6 -13.97 -21.42 -37.19
CA TYR D 6 -12.58 -21.20 -37.52
C TYR D 6 -11.71 -22.30 -36.92
N TYR D 7 -11.04 -23.04 -37.79
CA TYR D 7 -10.20 -24.15 -37.40
C TYR D 7 -8.86 -23.96 -38.06
N PRO D 8 -7.85 -23.53 -37.29
CA PRO D 8 -6.53 -23.32 -37.88
C PRO D 8 -6.07 -24.56 -38.64
N VAL D 9 -5.42 -24.34 -39.77
CA VAL D 9 -5.09 -25.41 -40.70
C VAL D 9 -4.33 -26.58 -40.05
N ASP D 10 -3.41 -26.27 -39.15
CA ASP D 10 -2.65 -27.33 -38.51
C ASP D 10 -3.52 -28.17 -37.57
N THR D 11 -4.57 -27.57 -37.02
CA THR D 11 -5.46 -28.30 -36.12
C THR D 11 -6.37 -29.21 -36.96
N GLN D 12 -6.64 -28.83 -38.20
CA GLN D 12 -7.38 -29.70 -39.10
C GLN D 12 -6.62 -31.00 -39.37
N ARG D 13 -5.30 -30.94 -39.38
CA ARG D 13 -4.51 -32.15 -39.50
C ARG D 13 -4.54 -32.94 -38.19
N LEU D 14 -4.32 -32.24 -37.08
CA LEU D 14 -4.24 -32.88 -35.77
C LEU D 14 -5.53 -33.63 -35.39
N VAL D 15 -6.70 -33.09 -35.73
CA VAL D 15 -7.92 -33.75 -35.33
C VAL D 15 -8.03 -35.12 -36.01
N ARG D 16 -7.53 -35.20 -37.24
CA ARG D 16 -7.57 -36.44 -37.99
C ARG D 16 -6.57 -37.45 -37.43
N SER D 17 -5.37 -37.00 -37.08
CA SER D 17 -4.42 -37.94 -36.50
C SER D 17 -4.86 -38.34 -35.08
N ASN D 18 -5.54 -37.44 -34.36
CA ASN D 18 -6.08 -37.79 -33.05
C ASN D 18 -7.16 -38.86 -33.18
N ALA D 19 -8.03 -38.67 -34.17
CA ALA D 19 -9.15 -39.59 -34.39
C ALA D 19 -8.61 -40.99 -34.71
N GLU D 20 -7.59 -41.04 -35.55
CA GLU D 20 -7.03 -42.32 -35.98
C GLU D 20 -6.39 -43.09 -34.83
N ARG D 21 -5.64 -42.41 -33.97
CA ARG D 21 -4.90 -43.16 -32.97
C ARG D 21 -5.78 -43.55 -31.78
N ILE D 22 -6.95 -42.93 -31.63
CA ILE D 22 -7.76 -43.26 -30.46
C ILE D 22 -8.72 -44.42 -30.74
N ARG D 23 -8.75 -44.85 -32.00
CA ARG D 23 -9.78 -45.76 -32.55
C ARG D 23 -10.23 -46.92 -31.67
N HIS D 24 -9.26 -47.57 -31.06
CA HIS D 24 -9.52 -48.82 -30.34
C HIS D 24 -9.35 -48.65 -28.83
N LYS D 25 -9.21 -47.41 -28.38
CA LYS D 25 -9.22 -47.14 -26.95
C LYS D 25 -10.62 -47.39 -26.41
N PRO D 26 -10.75 -47.82 -25.14
CA PRO D 26 -12.11 -48.07 -24.64
C PRO D 26 -12.93 -46.80 -24.48
N TYR D 27 -12.27 -45.64 -24.44
CA TYR D 27 -12.96 -44.35 -24.31
C TYR D 27 -13.09 -43.67 -25.67
N ALA D 28 -12.75 -44.40 -26.72
CA ALA D 28 -12.86 -43.86 -28.08
C ALA D 28 -14.25 -43.25 -28.38
N HIS D 29 -15.33 -43.81 -27.83
CA HIS D 29 -16.66 -43.32 -28.20
C HIS D 29 -16.96 -41.94 -27.64
N TYR D 30 -16.07 -41.43 -26.80
CA TYR D 30 -16.19 -40.05 -26.34
C TYR D 30 -15.48 -39.07 -27.27
N PHE D 31 -14.69 -39.60 -28.20
CA PHE D 31 -14.04 -38.71 -29.16
C PHE D 31 -15.05 -38.15 -30.14
N ASN D 32 -15.19 -36.84 -30.15
CA ASN D 32 -16.12 -36.13 -31.02
C ASN D 32 -15.56 -34.76 -31.39
N PRO D 33 -15.27 -34.51 -32.67
CA PRO D 33 -14.71 -33.23 -33.11
C PRO D 33 -15.69 -32.05 -33.02
N ASP D 34 -16.98 -32.30 -32.90
CA ASP D 34 -17.96 -31.21 -32.91
C ASP D 34 -17.74 -30.28 -31.73
N VAL D 35 -17.45 -29.02 -32.00
CA VAL D 35 -17.21 -28.02 -30.95
C VAL D 35 -18.08 -26.79 -31.19
N ALA D 36 -18.51 -26.15 -30.12
CA ALA D 36 -19.47 -25.05 -30.23
C ALA D 36 -19.31 -24.17 -29.01
N VAL D 37 -19.73 -22.91 -29.09
CA VAL D 37 -19.68 -22.02 -27.93
C VAL D 37 -21.08 -21.47 -27.65
N PRO D 38 -21.40 -21.30 -26.37
CA PRO D 38 -22.75 -20.85 -26.00
C PRO D 38 -22.98 -19.40 -26.37
N GLU D 39 -24.22 -19.09 -26.76
CA GLU D 39 -24.64 -17.75 -27.19
C GLU D 39 -24.28 -16.67 -26.18
N GLU D 40 -24.29 -17.04 -24.91
CA GLU D 40 -24.00 -16.14 -23.81
C GLU D 40 -22.61 -15.50 -23.85
N VAL D 41 -21.65 -16.15 -24.52
CA VAL D 41 -20.27 -15.64 -24.52
C VAL D 41 -19.90 -14.91 -25.81
N PHE D 42 -20.85 -14.76 -26.71
CA PHE D 42 -20.52 -14.23 -28.02
C PHE D 42 -20.02 -12.81 -27.94
N ALA D 43 -20.65 -11.96 -27.14
CA ALA D 43 -20.19 -10.59 -27.00
C ALA D 43 -18.72 -10.54 -26.55
N ALA D 44 -18.31 -11.48 -25.71
CA ALA D 44 -16.93 -11.54 -25.22
C ALA D 44 -15.96 -11.86 -26.34
N LEU D 45 -16.47 -12.44 -27.41
CA LEU D 45 -15.63 -12.81 -28.56
C LEU D 45 -15.36 -11.63 -29.48
N LYS D 46 -16.06 -10.53 -29.26
CA LYS D 46 -16.05 -9.41 -30.19
C LYS D 46 -15.42 -8.13 -29.66
N ALA D 47 -15.25 -8.07 -28.35
CA ALA D 47 -14.81 -6.85 -27.68
C ALA D 47 -13.99 -7.18 -26.44
N PRO D 48 -12.87 -6.48 -26.24
CA PRO D 48 -12.09 -6.78 -25.04
C PRO D 48 -12.76 -6.25 -23.78
N LEU D 49 -12.42 -6.85 -22.65
CA LEU D 49 -12.83 -6.34 -21.36
C LEU D 49 -12.24 -4.95 -21.11
N GLU D 50 -12.92 -4.18 -20.26
CA GLU D 50 -12.41 -2.92 -19.78
C GLU D 50 -11.50 -3.16 -18.57
N PRO D 51 -10.52 -2.27 -18.33
CA PRO D 51 -9.58 -2.52 -17.24
C PRO D 51 -10.26 -2.59 -15.87
N GLU D 52 -11.53 -2.19 -15.82
CA GLU D 52 -12.31 -2.23 -14.59
C GLU D 52 -13.10 -3.55 -14.50
N GLN D 53 -12.69 -4.52 -15.31
CA GLN D 53 -13.30 -5.85 -15.27
C GLN D 53 -12.24 -6.91 -15.07
N VAL D 54 -10.99 -6.48 -15.01
CA VAL D 54 -9.84 -7.36 -14.77
C VAL D 54 -9.69 -7.63 -13.28
N LEU D 55 -9.52 -8.89 -12.90
CA LEU D 55 -9.27 -9.24 -11.52
C LEU D 55 -7.77 -9.22 -11.26
N GLY D 56 -7.39 -8.60 -10.15
CA GLY D 56 -5.99 -8.56 -9.78
C GLY D 56 -5.54 -9.90 -9.22
N THR D 57 -4.27 -9.96 -8.84
CA THR D 57 -3.69 -11.21 -8.35
C THR D 57 -3.31 -11.11 -6.89
N SER D 58 -3.69 -10.02 -6.25
CA SER D 58 -3.50 -9.86 -4.81
C SER D 58 -4.38 -10.87 -4.07
N SER D 59 -3.99 -11.22 -2.86
CA SER D 59 -4.74 -12.16 -2.04
C SER D 59 -6.19 -11.74 -1.94
N THR D 60 -6.40 -10.44 -1.79
CA THR D 60 -7.73 -9.88 -1.65
C THR D 60 -8.57 -10.08 -2.91
N GLU D 61 -7.99 -9.81 -4.07
CA GLU D 61 -8.77 -9.92 -5.30
C GLU D 61 -9.07 -11.37 -5.68
N LEU D 62 -8.14 -12.28 -5.44
CA LEU D 62 -8.38 -13.70 -5.77
C LEU D 62 -9.55 -14.24 -4.95
N ASN D 63 -9.63 -13.84 -3.68
CA ASN D 63 -10.69 -14.32 -2.80
C ASN D 63 -12.05 -13.74 -3.09
N ARG D 64 -12.12 -12.74 -3.96
CA ARG D 64 -13.42 -12.27 -4.40
C ARG D 64 -14.16 -13.38 -5.17
N LEU D 65 -13.41 -14.34 -5.73
CA LEU D 65 -14.02 -15.45 -6.46
C LEU D 65 -14.82 -16.36 -5.54
N LEU D 66 -14.56 -16.27 -4.24
CA LEU D 66 -15.27 -17.05 -3.25
C LEU D 66 -16.66 -16.49 -3.00
N GLU D 67 -16.86 -15.21 -3.32
CA GLU D 67 -18.18 -14.60 -3.17
C GLU D 67 -19.24 -15.30 -4.01
N PRO D 68 -20.41 -15.54 -3.42
CA PRO D 68 -21.58 -15.99 -4.16
C PRO D 68 -21.88 -15.04 -5.31
N GLY D 69 -22.61 -15.52 -6.31
CA GLY D 69 -22.93 -14.70 -7.46
C GLY D 69 -21.73 -14.43 -8.35
N TYR D 70 -21.86 -13.43 -9.21
CA TYR D 70 -20.84 -13.18 -10.22
C TYR D 70 -20.16 -11.83 -10.10
N LEU D 71 -18.89 -11.81 -10.50
CA LEU D 71 -18.12 -10.59 -10.63
C LEU D 71 -18.35 -10.00 -12.01
N GLU D 72 -17.84 -8.79 -12.23
CA GLU D 72 -17.93 -8.18 -13.54
C GLU D 72 -16.91 -8.85 -14.45
N GLY D 73 -17.30 -9.08 -15.70
CA GLY D 73 -16.39 -9.66 -16.68
C GLY D 73 -16.02 -11.10 -16.35
N GLU D 74 -17.03 -11.94 -16.13
CA GLU D 74 -16.81 -13.37 -15.87
C GLU D 74 -16.20 -14.03 -17.09
N THR D 75 -16.58 -13.56 -18.27
CA THR D 75 -16.04 -14.12 -19.51
C THR D 75 -15.55 -13.01 -20.44
N GLY D 76 -14.26 -13.01 -20.74
CA GLY D 76 -13.69 -12.05 -21.68
C GLY D 76 -12.18 -12.07 -21.71
N TYR D 77 -11.57 -11.15 -22.45
CA TYR D 77 -10.11 -11.05 -22.52
C TYR D 77 -9.72 -9.57 -22.64
N CYS D 78 -8.45 -9.27 -22.37
CA CYS D 78 -7.90 -7.97 -22.75
C CYS D 78 -6.38 -7.93 -22.60
N GLY D 79 -5.76 -7.00 -23.33
CA GLY D 79 -4.36 -6.71 -23.11
C GLY D 79 -4.19 -5.91 -21.83
N LEU D 80 -3.02 -6.01 -21.20
CA LEU D 80 -2.75 -5.27 -19.98
C LEU D 80 -1.49 -4.40 -20.15
N PRO D 81 -1.22 -3.49 -19.19
CA PRO D 81 0.07 -2.81 -19.03
C PRO D 81 1.25 -3.71 -19.36
N ASP D 82 2.27 -3.16 -20.03
CA ASP D 82 3.34 -3.94 -20.63
C ASP D 82 2.62 -4.68 -21.77
N GLY D 83 3.17 -5.78 -22.28
CA GLY D 83 2.49 -6.55 -23.29
C GLY D 83 1.78 -7.73 -22.67
N ALA D 84 1.39 -7.61 -21.40
CA ALA D 84 0.75 -8.71 -20.67
C ALA D 84 -0.70 -8.93 -21.15
N GLY D 85 -1.30 -10.04 -20.74
CA GLY D 85 -2.66 -10.32 -21.17
C GLY D 85 -3.48 -10.93 -20.05
N TYR D 86 -4.79 -10.89 -20.21
CA TYR D 86 -5.71 -11.43 -19.21
C TYR D 86 -6.90 -12.09 -19.88
N THR D 87 -7.29 -13.24 -19.35
CA THR D 87 -8.44 -14.00 -19.85
C THR D 87 -9.33 -14.46 -18.70
N SER D 88 -10.64 -14.28 -18.87
CA SER D 88 -11.63 -14.80 -17.93
C SER D 88 -12.68 -15.61 -18.68
N SER D 89 -13.17 -16.69 -18.07
CA SER D 89 -14.05 -17.59 -18.79
C SER D 89 -14.88 -18.46 -17.87
N LEU D 90 -16.19 -18.33 -18.02
CA LEU D 90 -17.15 -19.13 -17.27
C LEU D 90 -17.73 -20.21 -18.16
N VAL D 91 -17.69 -21.45 -17.68
CA VAL D 91 -18.25 -22.56 -18.45
C VAL D 91 -19.10 -23.42 -17.54
N ARG D 92 -20.32 -23.70 -17.97
CA ARG D 92 -21.24 -24.48 -17.16
C ARG D 92 -21.10 -25.98 -17.41
N PHE D 93 -21.16 -26.73 -16.32
CA PHE D 93 -21.06 -28.19 -16.37
C PHE D 93 -22.33 -28.81 -15.77
N PRO D 94 -23.43 -28.76 -16.51
CA PRO D 94 -24.67 -29.37 -15.99
C PRO D 94 -24.54 -30.88 -15.82
N GLY D 95 -25.10 -31.40 -14.74
CA GLY D 95 -25.10 -32.82 -14.48
C GLY D 95 -23.79 -33.34 -13.94
N ALA D 96 -22.82 -32.45 -13.72
CA ALA D 96 -21.53 -32.85 -13.16
C ALA D 96 -21.37 -32.40 -11.71
N THR D 97 -20.41 -32.99 -11.01
CA THR D 97 -20.00 -32.56 -9.68
C THR D 97 -18.53 -32.15 -9.74
N PRO D 98 -18.09 -31.31 -8.79
CA PRO D 98 -16.67 -30.89 -8.81
C PRO D 98 -15.69 -32.05 -8.65
N GLU D 99 -16.13 -33.12 -8.01
CA GLU D 99 -15.27 -34.28 -7.83
C GLU D 99 -14.84 -34.82 -9.18
N MET D 100 -15.76 -34.77 -10.15
CA MET D 100 -15.45 -35.23 -11.51
C MET D 100 -14.35 -34.40 -12.15
N PHE D 101 -14.33 -33.11 -11.82
CA PHE D 101 -13.30 -32.22 -12.35
C PHE D 101 -11.95 -32.57 -11.73
N ARG D 102 -11.92 -32.85 -10.42
CA ARG D 102 -10.67 -33.30 -9.77
C ARG D 102 -10.16 -34.59 -10.41
N TRP D 103 -11.06 -35.55 -10.58
CA TRP D 103 -10.69 -36.82 -11.18
C TRP D 103 -10.15 -36.60 -12.60
N TRP D 104 -10.82 -35.71 -13.34
CA TRP D 104 -10.43 -35.49 -14.73
C TRP D 104 -8.99 -34.96 -14.79
N PHE D 105 -8.67 -34.05 -13.88
CA PHE D 105 -7.38 -33.37 -14.02
C PHE D 105 -6.20 -34.30 -13.75
N TRP D 106 -6.42 -35.45 -13.10
CA TRP D 106 -5.36 -36.46 -13.10
C TRP D 106 -5.54 -37.51 -14.17
N TRP D 107 -6.76 -37.98 -14.36
CA TRP D 107 -7.00 -39.11 -15.26
C TRP D 107 -6.55 -38.84 -16.70
N HIS D 108 -6.81 -37.62 -17.19
CA HIS D 108 -6.48 -37.32 -18.59
C HIS D 108 -4.98 -37.30 -18.84
N SER D 109 -4.20 -37.12 -17.77
CA SER D 109 -2.80 -36.76 -17.89
C SER D 109 -1.90 -37.97 -18.11
N PHE D 110 -2.47 -39.17 -18.09
CA PHE D 110 -1.61 -40.37 -18.18
C PHE D 110 -1.59 -40.98 -19.58
N GLU D 111 -2.39 -40.43 -20.49
CA GLU D 111 -2.40 -40.89 -21.89
C GLU D 111 -2.75 -39.75 -22.81
N PRO D 112 -1.93 -39.52 -23.85
CA PRO D 112 -2.20 -38.44 -24.81
C PRO D 112 -3.59 -38.60 -25.42
N GLU D 113 -4.00 -39.84 -25.67
CA GLU D 113 -5.33 -40.06 -26.24
C GLU D 113 -6.44 -39.55 -25.31
N ARG D 114 -6.28 -39.70 -24.01
CA ARG D 114 -7.29 -39.16 -23.07
C ARG D 114 -7.34 -37.65 -23.14
N TYR D 115 -6.16 -37.05 -23.17
CA TYR D 115 -6.00 -35.61 -23.34
C TYR D 115 -6.68 -35.13 -24.64
N SER D 116 -6.60 -35.93 -25.70
CA SER D 116 -7.15 -35.49 -26.98
C SER D 116 -8.69 -35.40 -26.93
N LEU D 117 -9.32 -36.15 -26.03
CA LEU D 117 -10.80 -36.11 -25.92
C LEU D 117 -11.31 -34.71 -25.62
N TRP D 118 -10.50 -34.00 -24.85
CA TRP D 118 -10.82 -32.70 -24.26
C TRP D 118 -10.80 -31.58 -25.32
N HIS D 119 -9.82 -31.61 -26.20
CA HIS D 119 -9.83 -30.72 -27.34
C HIS D 119 -9.28 -31.49 -28.53
N PRO D 120 -10.18 -32.15 -29.26
CA PRO D 120 -9.77 -33.00 -30.38
C PRO D 120 -8.90 -32.27 -31.40
N TRP D 121 -9.08 -30.96 -31.55
CA TRP D 121 -8.36 -30.23 -32.60
C TRP D 121 -6.98 -29.74 -32.17
N CYS D 122 -6.81 -29.45 -30.89
CA CYS D 122 -5.62 -28.72 -30.42
C CYS D 122 -4.69 -29.54 -29.54
N HIS D 123 -5.18 -30.59 -28.92
CA HIS D 123 -4.37 -31.35 -27.97
C HIS D 123 -3.51 -32.43 -28.62
N ALA D 124 -2.20 -32.20 -28.65
CA ALA D 124 -1.31 -33.09 -29.39
C ALA D 124 -0.63 -34.13 -28.50
N ASP D 125 -0.19 -33.70 -27.32
CA ASP D 125 0.57 -34.60 -26.46
C ASP D 125 0.54 -34.13 -25.02
N ILE D 126 0.53 -35.09 -24.10
CA ILE D 126 0.75 -34.78 -22.69
C ILE D 126 1.64 -35.87 -22.12
N TRP D 127 2.54 -35.51 -21.23
CA TRP D 127 3.24 -36.56 -20.49
C TRP D 127 3.56 -36.11 -19.07
N ARG D 128 3.66 -37.11 -18.20
CA ARG D 128 4.07 -36.96 -16.81
C ARG D 128 5.16 -37.98 -16.51
N THR D 129 6.07 -37.62 -15.63
CA THR D 129 7.16 -38.53 -15.31
C THR D 129 6.91 -39.25 -13.99
N PRO D 131 4.47 -41.82 -13.64
CA PRO D 131 3.30 -42.63 -13.98
C PRO D 131 2.80 -43.49 -12.83
N GLU D 132 3.65 -43.68 -11.81
CA GLU D 132 3.27 -44.48 -10.65
C GLU D 132 2.07 -43.90 -9.92
N THR D 133 1.92 -42.58 -10.04
CA THR D 133 0.86 -41.85 -9.35
C THR D 133 -0.55 -42.24 -9.80
N GLU D 134 -0.67 -42.81 -11.00
CA GLU D 134 -1.99 -43.17 -11.53
C GLU D 134 -2.62 -44.32 -10.74
N THR D 135 -1.79 -45.20 -10.22
CA THR D 135 -2.30 -46.41 -9.59
C THR D 135 -1.85 -46.57 -8.14
N ALA D 136 -1.03 -45.64 -7.66
CA ALA D 136 -0.58 -45.68 -6.27
C ALA D 136 -1.80 -45.79 -5.35
N PRO D 137 -1.73 -46.70 -4.37
CA PRO D 137 -2.83 -46.93 -3.44
C PRO D 137 -3.19 -45.63 -2.73
N ASN D 138 -4.49 -45.33 -2.66
CA ASN D 138 -4.96 -44.04 -2.18
C ASN D 138 -4.28 -42.87 -2.91
N THR D 140 -6.23 -40.17 -3.31
CA THR D 140 -7.08 -38.98 -3.40
C THR D 140 -6.94 -38.29 -4.75
N ASP D 141 -8.06 -37.89 -5.35
CA ASP D 141 -8.05 -37.31 -6.69
C ASP D 141 -7.09 -36.13 -6.78
N GLU D 142 -7.20 -35.20 -5.85
CA GLU D 142 -6.29 -34.04 -5.82
C GLU D 142 -4.83 -34.45 -5.70
N GLN D 143 -4.56 -35.47 -4.89
CA GLN D 143 -3.19 -35.91 -4.70
C GLN D 143 -2.63 -36.57 -5.96
N ARG D 144 -3.49 -36.79 -6.94
CA ARG D 144 -2.98 -37.38 -8.18
C ARG D 144 -2.65 -36.33 -9.25
N TYR D 145 -2.83 -35.04 -8.93
CA TYR D 145 -2.30 -34.00 -9.82
C TYR D 145 -1.70 -32.77 -9.12
N VAL D 146 -2.20 -32.39 -7.95
CA VAL D 146 -1.59 -31.27 -7.24
C VAL D 146 -0.16 -31.66 -6.86
N GLY D 147 0.78 -30.76 -7.15
CA GLY D 147 2.19 -31.04 -6.92
C GLY D 147 2.84 -31.81 -8.06
N SER D 148 2.11 -32.03 -9.13
CA SER D 148 2.70 -32.69 -10.30
C SER D 148 2.86 -31.69 -11.43
N THR D 149 3.69 -32.04 -12.40
CA THR D 149 3.95 -31.19 -13.55
C THR D 149 3.47 -31.89 -14.83
N HIS D 150 2.58 -31.22 -15.55
CA HIS D 150 2.07 -31.76 -16.80
C HIS D 150 2.80 -31.13 -17.96
N HIS D 151 3.46 -31.97 -18.75
CA HIS D 151 4.16 -31.51 -19.93
C HIS D 151 3.23 -31.61 -21.12
N ILE D 152 2.88 -30.46 -21.68
CA ILE D 152 1.80 -30.37 -22.65
C ILE D 152 2.28 -29.82 -23.98
N ASN D 153 1.82 -30.46 -25.07
CA ASN D 153 2.09 -29.98 -26.41
C ASN D 153 0.72 -29.75 -27.05
N GLU D 154 0.35 -28.50 -27.31
CA GLU D 154 -0.97 -28.22 -27.89
C GLU D 154 -0.94 -26.97 -28.74
N TYR D 155 -1.98 -26.80 -29.55
CA TYR D 155 -2.21 -25.58 -30.27
C TYR D 155 -3.05 -24.61 -29.47
N ILE D 156 -2.60 -23.36 -29.40
CA ILE D 156 -3.44 -22.27 -28.92
C ILE D 156 -3.42 -21.27 -30.06
N GLY D 157 -4.53 -21.14 -30.77
CA GLY D 157 -4.53 -20.41 -32.01
C GLY D 157 -3.87 -21.27 -33.08
N GLN D 158 -3.00 -20.68 -33.88
CA GLN D 158 -2.30 -21.43 -34.92
C GLN D 158 -0.98 -21.97 -34.42
N ASP D 159 -0.58 -21.49 -33.25
CA ASP D 159 0.75 -21.76 -32.74
C ASP D 159 0.79 -23.00 -31.87
N PRO D 160 1.62 -23.99 -32.23
CA PRO D 160 1.79 -25.07 -31.25
C PRO D 160 2.77 -24.65 -30.17
N LEU D 161 2.50 -25.04 -28.93
CA LEU D 161 3.37 -24.71 -27.81
C LEU D 161 3.81 -25.97 -27.10
N ASP D 162 4.96 -25.88 -26.43
CA ASP D 162 5.52 -26.98 -25.66
C ASP D 162 5.69 -26.41 -24.26
N ILE D 163 4.74 -26.70 -23.37
CA ILE D 163 4.69 -26.02 -22.09
C ILE D 163 4.62 -26.98 -20.92
N GLU D 164 4.84 -26.44 -19.73
CA GLU D 164 4.82 -27.24 -18.51
C GLU D 164 3.94 -26.57 -17.47
N ILE D 165 3.00 -27.32 -16.93
CA ILE D 165 2.13 -26.77 -15.91
C ILE D 165 2.30 -27.53 -14.61
N THR D 166 2.70 -26.81 -13.55
CA THR D 166 2.77 -27.42 -12.25
C THR D 166 1.59 -26.92 -11.42
N PHE D 167 0.80 -27.86 -10.91
CA PHE D 167 -0.36 -27.47 -10.12
C PHE D 167 0.03 -27.29 -8.68
N ILE D 168 -0.50 -26.24 -8.07
CA ILE D 168 -0.11 -25.86 -6.72
C ILE D 168 -1.31 -25.75 -5.77
N ASP D 169 -1.04 -25.85 -4.47
CA ASP D 169 -2.04 -25.58 -3.46
C ASP D 169 -2.42 -24.10 -3.58
N PRO D 170 -3.70 -23.81 -3.83
CA PRO D 170 -4.18 -22.44 -3.97
C PRO D 170 -3.80 -21.55 -2.80
N ALA D 171 -3.59 -22.14 -1.62
CA ALA D 171 -3.21 -21.36 -0.45
C ALA D 171 -1.89 -20.62 -0.67
N ARG D 172 -1.01 -21.17 -1.51
CA ARG D 172 0.28 -20.56 -1.78
C ARG D 172 0.13 -19.22 -2.48
N TRP D 173 -1.00 -19.01 -3.15
CA TRP D 173 -1.28 -17.74 -3.80
C TRP D 173 -2.14 -16.83 -2.94
N GLY D 174 -2.44 -17.27 -1.73
CA GLY D 174 -3.18 -16.44 -0.79
C GLY D 174 -4.67 -16.65 -0.84
N PHE D 175 -5.12 -17.63 -1.61
CA PHE D 175 -6.51 -18.07 -1.54
C PHE D 175 -6.86 -18.49 -0.12
N ASP D 176 -8.07 -18.16 0.32
CA ASP D 176 -8.57 -18.64 1.59
C ASP D 176 -9.11 -20.05 1.40
N ALA D 177 -8.21 -21.03 1.42
CA ALA D 177 -8.56 -22.42 1.13
C ALA D 177 -9.59 -22.98 2.10
N ASP D 178 -9.57 -22.49 3.34
CA ASP D 178 -10.50 -22.93 4.37
C ASP D 178 -11.91 -22.44 4.09
N GLY D 179 -12.02 -21.50 3.16
CA GLY D 179 -13.30 -20.93 2.81
C GLY D 179 -13.88 -21.54 1.54
N PHE D 180 -13.14 -22.46 0.91
CA PHE D 180 -13.56 -23.04 -0.37
C PHE D 180 -14.86 -23.82 -0.22
N ALA D 181 -14.93 -24.73 0.75
CA ALA D 181 -16.09 -25.59 0.91
C ALA D 181 -17.38 -24.80 1.13
N ALA D 182 -17.31 -23.77 1.99
CA ALA D 182 -18.50 -22.97 2.29
C ALA D 182 -18.96 -22.19 1.07
N ALA D 183 -18.02 -21.83 0.21
CA ALA D 183 -18.28 -21.08 -0.99
C ALA D 183 -18.69 -21.96 -2.17
N GLY D 184 -18.82 -23.26 -1.92
CA GLY D 184 -19.22 -24.19 -2.98
C GLY D 184 -18.12 -24.54 -3.98
N ILE D 185 -16.88 -24.17 -3.67
CA ILE D 185 -15.73 -24.49 -4.52
C ILE D 185 -15.23 -25.88 -4.21
N GLY D 186 -15.61 -26.85 -5.03
CA GLY D 186 -15.27 -28.23 -4.75
C GLY D 186 -14.11 -28.72 -5.57
N ALA D 187 -13.65 -27.91 -6.52
CA ALA D 187 -12.44 -28.26 -7.21
C ALA D 187 -11.68 -27.02 -7.58
N HIS D 188 -10.40 -27.20 -7.76
CA HIS D 188 -9.57 -26.14 -8.29
C HIS D 188 -8.47 -26.77 -9.12
N ALA D 189 -7.92 -25.97 -10.01
CA ALA D 189 -6.72 -26.38 -10.70
C ALA D 189 -5.97 -25.10 -10.99
N CYS D 190 -4.98 -24.81 -10.17
CA CYS D 190 -4.23 -23.58 -10.30
C CYS D 190 -2.78 -23.89 -10.58
N GLY D 191 -2.18 -23.14 -11.49
CA GLY D 191 -0.80 -23.41 -11.78
C GLY D 191 -0.09 -22.35 -12.57
N SER D 192 1.23 -22.49 -12.58
CA SER D 192 2.10 -21.69 -13.41
C SER D 192 2.30 -22.40 -14.73
N VAL D 193 2.12 -21.67 -15.82
CA VAL D 193 2.39 -22.21 -17.14
C VAL D 193 3.76 -21.73 -17.58
N LEU D 194 4.69 -22.66 -17.76
CA LEU D 194 6.06 -22.32 -18.15
C LEU D 194 6.42 -22.93 -19.52
N MET D 195 7.23 -22.19 -20.30
CA MET D 195 7.76 -22.71 -21.56
C MET D 195 8.73 -23.86 -21.31
N LYS D 196 8.65 -24.90 -22.14
CA LYS D 196 9.63 -25.99 -22.10
C LYS D 196 11.02 -25.40 -22.27
N GLY D 197 11.99 -25.94 -21.54
CA GLY D 197 13.39 -25.55 -21.71
C GLY D 197 13.74 -24.22 -21.08
N SER D 198 13.22 -23.14 -21.65
CA SER D 198 13.50 -21.80 -21.17
C SER D 198 12.92 -21.52 -19.80
N HIS D 199 11.80 -22.19 -19.49
CA HIS D 199 11.06 -22.00 -18.23
C HIS D 199 10.51 -20.58 -18.11
N MET D 200 10.39 -19.90 -19.24
CA MET D 200 9.74 -18.61 -19.29
C MET D 200 8.29 -18.75 -18.82
N ARG D 201 7.87 -17.90 -17.89
CA ARG D 201 6.49 -17.92 -17.41
C ARG D 201 5.57 -17.38 -18.49
N LEU D 202 4.52 -18.12 -18.80
CA LEU D 202 3.57 -17.76 -19.84
C LEU D 202 2.26 -17.27 -19.27
N ALA D 203 1.87 -17.88 -18.16
CA ALA D 203 0.61 -17.53 -17.53
C ALA D 203 0.55 -18.06 -16.11
N THR D 204 -0.19 -17.35 -15.28
CA THR D 204 -0.68 -17.91 -14.03
C THR D 204 -2.12 -18.25 -14.31
N MET D 205 -2.57 -19.42 -13.89
CA MET D 205 -3.85 -19.93 -14.32
C MET D 205 -4.65 -20.40 -13.11
N VAL D 206 -5.91 -20.02 -13.06
CA VAL D 206 -6.84 -20.51 -12.03
C VAL D 206 -8.08 -21.14 -12.66
N HIS D 207 -8.46 -22.34 -12.22
CA HIS D 207 -9.74 -22.94 -12.57
C HIS D 207 -10.53 -23.27 -11.30
N LEU D 208 -11.68 -22.64 -11.08
CA LEU D 208 -12.46 -22.96 -9.89
C LEU D 208 -13.79 -23.59 -10.26
N ALA D 209 -14.06 -24.78 -9.72
CA ALA D 209 -15.32 -25.44 -9.96
C ALA D 209 -16.28 -25.17 -8.81
N ARG D 210 -17.34 -24.42 -9.09
CA ARG D 210 -18.28 -24.04 -8.04
C ARG D 210 -19.63 -24.71 -8.24
N ILE D 211 -20.10 -25.39 -7.19
CA ILE D 211 -21.38 -26.05 -7.20
C ILE D 211 -22.51 -25.11 -7.61
N THR D 212 -23.38 -25.59 -8.48
CA THR D 212 -24.56 -24.85 -8.88
C THR D 212 -25.78 -25.75 -8.75
N ASP D 213 -26.96 -25.19 -8.98
CA ASP D 213 -28.18 -25.99 -8.92
C ASP D 213 -28.17 -27.12 -9.94
N ASP D 214 -27.63 -26.84 -11.12
CA ASP D 214 -27.65 -27.79 -12.23
C ASP D 214 -26.45 -28.76 -12.29
N GLY D 215 -25.41 -28.46 -11.51
CA GLY D 215 -24.19 -29.26 -11.60
C GLY D 215 -23.04 -28.48 -10.97
N PHE D 216 -22.09 -28.05 -11.78
CA PHE D 216 -21.18 -26.99 -11.31
C PHE D 216 -20.85 -26.04 -12.45
N GLU D 217 -20.23 -24.91 -12.09
CA GLU D 217 -19.75 -23.99 -13.11
C GLU D 217 -18.26 -23.78 -12.91
N LEU D 218 -17.55 -23.72 -14.02
CA LEU D 218 -16.12 -23.50 -14.01
C LEU D 218 -15.79 -22.03 -14.25
N ARG D 219 -15.05 -21.44 -13.33
CA ARG D 219 -14.63 -20.05 -13.46
C ARG D 219 -13.13 -20.02 -13.59
N SER D 220 -12.66 -19.56 -14.73
CA SER D 220 -11.24 -19.59 -15.03
C SER D 220 -10.70 -18.17 -15.24
N ARG D 221 -9.48 -17.96 -14.75
CA ARG D 221 -8.72 -16.74 -14.98
C ARG D 221 -7.31 -17.08 -15.44
N TYR D 222 -6.82 -16.32 -16.42
CA TYR D 222 -5.44 -16.46 -16.87
C TYR D 222 -4.76 -15.09 -16.83
N TRP D 223 -3.61 -15.02 -16.19
CA TRP D 223 -2.81 -13.80 -16.26
C TRP D 223 -1.60 -14.12 -17.12
N ILE D 224 -1.59 -13.58 -18.33
CA ILE D 224 -0.68 -14.02 -19.39
C ILE D 224 0.69 -13.37 -19.32
N GLY D 249 0.12 -11.26 -26.89
CA GLY D 249 -0.09 -10.79 -25.53
C GLY D 249 -1.57 -10.51 -25.30
N GLU D 250 -2.02 -9.40 -25.85
CA GLU D 250 -3.44 -9.15 -26.06
C GLU D 250 -4.01 -10.25 -26.98
N ARG D 251 -3.25 -10.55 -28.02
CA ARG D 251 -3.60 -11.67 -28.91
C ARG D 251 -3.66 -12.98 -28.14
N GLN D 252 -2.65 -13.23 -27.30
CA GLN D 252 -2.59 -14.50 -26.58
C GLN D 252 -3.82 -14.68 -25.69
N ALA D 253 -4.25 -13.59 -25.04
CA ALA D 253 -5.42 -13.65 -24.18
C ALA D 253 -6.69 -13.92 -24.99
N TYR D 254 -6.74 -13.45 -26.23
CA TYR D 254 -7.92 -13.73 -27.03
C TYR D 254 -7.95 -15.19 -27.47
N GLU D 255 -6.80 -15.71 -27.89
CA GLU D 255 -6.71 -17.13 -28.26
C GLU D 255 -7.04 -18.01 -27.07
N GLN D 256 -6.64 -17.57 -25.88
CA GLN D 256 -6.89 -18.35 -24.69
C GLN D 256 -8.38 -18.37 -24.35
N LEU D 257 -9.05 -17.25 -24.58
CA LEU D 257 -10.48 -17.17 -24.36
C LEU D 257 -11.21 -18.17 -25.28
N VAL D 258 -10.87 -18.15 -26.55
CA VAL D 258 -11.50 -19.06 -27.51
C VAL D 258 -11.19 -20.51 -27.14
N HIS D 259 -9.95 -20.77 -26.75
CA HIS D 259 -9.47 -22.10 -26.39
C HIS D 259 -10.25 -22.65 -25.20
N ASP D 260 -10.35 -21.83 -24.16
CA ASP D 260 -11.02 -22.22 -22.93
C ASP D 260 -12.49 -22.53 -23.16
N GLN D 261 -13.22 -21.60 -23.78
CA GLN D 261 -14.62 -21.81 -24.08
C GLN D 261 -14.81 -23.06 -24.94
N THR D 262 -13.95 -23.22 -25.93
CA THR D 262 -14.10 -24.39 -26.80
C THR D 262 -13.89 -25.70 -26.03
N GLU D 263 -12.73 -25.85 -25.39
CA GLU D 263 -12.42 -27.15 -24.80
C GLU D 263 -13.22 -27.43 -23.52
N PHE D 264 -13.54 -26.41 -22.72
CA PHE D 264 -14.26 -26.73 -21.49
C PHE D 264 -15.74 -26.95 -21.75
N ASN D 265 -16.31 -26.25 -22.73
CA ASN D 265 -17.66 -26.62 -23.11
C ASN D 265 -17.67 -28.02 -23.69
N HIS D 266 -16.61 -28.37 -24.41
CA HIS D 266 -16.55 -29.70 -24.99
C HIS D 266 -16.46 -30.73 -23.88
N LEU D 267 -15.60 -30.48 -22.90
CA LEU D 267 -15.49 -31.40 -21.77
C LEU D 267 -16.85 -31.57 -21.05
N ALA D 268 -17.63 -30.49 -20.97
CA ALA D 268 -18.91 -30.54 -20.26
C ALA D 268 -19.93 -31.45 -20.93
N THR D 269 -19.74 -31.71 -22.23
CA THR D 269 -20.65 -32.58 -22.96
C THR D 269 -20.49 -34.08 -22.64
N PHE D 270 -19.37 -34.48 -22.03
CA PHE D 270 -19.18 -35.91 -21.72
C PHE D 270 -18.57 -36.21 -20.35
N LEU D 271 -18.25 -35.19 -19.56
CA LEU D 271 -17.55 -35.45 -18.28
C LEU D 271 -18.33 -36.40 -17.36
N PRO D 272 -19.65 -36.15 -17.15
CA PRO D 272 -20.37 -37.06 -16.24
C PRO D 272 -20.37 -38.50 -16.74
N ASP D 273 -20.64 -38.68 -18.03
CA ASP D 273 -20.64 -40.03 -18.63
C ASP D 273 -19.28 -40.71 -18.53
N ILE D 274 -18.19 -40.00 -18.82
CA ILE D 274 -16.89 -40.65 -18.81
C ILE D 274 -16.43 -40.93 -17.38
N TYR D 275 -16.88 -40.09 -16.44
CA TYR D 275 -16.60 -40.30 -15.01
C TYR D 275 -17.32 -41.56 -14.52
N GLN D 276 -18.57 -41.68 -14.95
CA GLN D 276 -19.39 -42.83 -14.62
C GLN D 276 -18.72 -44.10 -15.13
N GLU D 277 -18.19 -44.04 -16.35
CA GLU D 277 -17.61 -45.21 -16.98
C GLU D 277 -16.17 -45.44 -16.53
C1 83X E . -25.05 -2.57 18.96
C2 83X E . -24.25 -3.79 19.35
C3 83X E . -24.76 -5.02 19.17
C4 83X E . -26.14 -5.22 18.59
C5 83X E . -26.88 -4.15 18.22
C6 83X E . -26.31 -2.76 18.43
O1 83X E . -22.96 -3.64 19.89
O2 83X E . -27.12 -1.68 18.06
O3 83X E . -26.61 -6.54 18.42
O4 83X E . -23.28 -0.90 19.03
C7 83X E . -24.44 -1.19 19.23
C8 83X E . -25.27 -0.13 19.92
#